data_5DAR
#
_entry.id   5DAR
#
_cell.length_a   72.396
_cell.length_b   88.451
_cell.length_c   95.231
_cell.angle_alpha   90.00
_cell.angle_beta   102.19
_cell.angle_gamma   90.00
#
_symmetry.space_group_name_H-M   'P 1 21 1'
#
loop_
_entity.id
_entity.type
_entity.pdbx_description
1 polymer '74 nt fragment of 23S rRNA'
2 polymer '50S ribosomal protein L10'
3 polymer '50S ribosomal protein L11'
4 non-polymer 'MAGNESIUM ION'
5 non-polymer 'CHLORIDE ION'
6 non-polymer 'POTASSIUM ION'
7 water water
#
loop_
_entity_poly.entity_id
_entity_poly.type
_entity_poly.pdbx_seq_one_letter_code
_entity_poly.pdbx_strand_id
1 'polyribonucleotide' GCCUAAGACAGCGGGGAGGUUGGCUUAGAAGCAGCCAUCCUUUAAAGAGUGCGUAACAGCUCACCCGUCGAGGC A,D
2 'polypeptide(L)'
;MAPWKIEEVKTLKGLIKSKPVVAIVDMMDVPAPQLQEIRDKIRDKVKLRMSRNTLIIRALKEAAEELNNPKLAELANYVE
RGAAILVTDMNPFKLYKLLEENKSPAPVRGGQIAPCDIKVEKGSTGMPPGPFLGELKSVGIPAAIEKGKIAIKEDKVVVK
KGEVVSPKLAAVLDRLGIKPIKVGLNILAVYEDGIIYTPDVLKVDEEKLLADI
;
B,E
3 'polypeptide(L)'
;MAKEVVEVLVTGGRATAGPPLGPAIGPLGVNVMQVVKEINEKTKDYEGMQVPVKVIVDTETRKFEIEVGIPPTTALIKKE
LGIETAAHEPRHEVVGNLTLEQVIKIAKMKKDAMLSYTLKNAVKEVLGTCGSMGVTVEGKDPKEVQKEIDAGVYDEYFKE
E
;
C,F
#
loop_
_chem_comp.id
_chem_comp.type
_chem_comp.name
_chem_comp.formula
A RNA linking ADENOSINE-5'-MONOPHOSPHATE 'C10 H14 N5 O7 P'
C RNA linking CYTIDINE-5'-MONOPHOSPHATE 'C9 H14 N3 O8 P'
CL non-polymer 'CHLORIDE ION' 'Cl -1'
G RNA linking GUANOSINE-5'-MONOPHOSPHATE 'C10 H14 N5 O8 P'
K non-polymer 'POTASSIUM ION' 'K 1'
MG non-polymer 'MAGNESIUM ION' 'Mg 2'
U RNA linking URIDINE-5'-MONOPHOSPHATE 'C9 H13 N2 O9 P'
#
# COMPACT_ATOMS: atom_id res chain seq x y z
N MET B 1 -26.33 -3.50 10.41
CA MET B 1 -24.86 -3.73 10.29
C MET B 1 -24.09 -3.18 11.49
N ALA B 2 -22.87 -3.69 11.64
CA ALA B 2 -21.97 -3.21 12.66
C ALA B 2 -20.87 -2.46 11.94
N PRO B 3 -20.05 -1.71 12.70
CA PRO B 3 -19.03 -0.94 12.01
C PRO B 3 -18.08 -1.88 11.22
N TRP B 4 -17.24 -2.60 11.95
CA TRP B 4 -16.29 -3.56 11.41
C TRP B 4 -16.82 -4.47 10.31
N LYS B 5 -18.11 -4.77 10.32
CA LYS B 5 -18.69 -5.68 9.35
C LYS B 5 -18.68 -5.14 7.91
N ILE B 6 -19.00 -3.86 7.73
CA ILE B 6 -18.86 -3.21 6.41
C ILE B 6 -17.38 -3.18 5.97
N GLU B 7 -16.53 -2.78 6.89
CA GLU B 7 -15.09 -2.72 6.68
C GLU B 7 -14.52 -4.11 6.33
N GLU B 8 -14.96 -5.09 7.08
CA GLU B 8 -14.33 -6.37 7.01
C GLU B 8 -14.87 -7.19 5.83
N VAL B 9 -16.04 -6.82 5.30
CA VAL B 9 -16.55 -7.47 4.08
C VAL B 9 -15.82 -6.91 2.89
N LYS B 10 -15.33 -5.69 3.03
CA LYS B 10 -14.62 -5.08 1.93
C LYS B 10 -13.22 -5.65 1.86
N THR B 11 -12.69 -6.04 3.02
CA THR B 11 -11.41 -6.71 3.10
C THR B 11 -11.44 -8.06 2.39
N LEU B 12 -12.58 -8.76 2.51
CA LEU B 12 -12.77 -10.12 1.99
C LEU B 12 -13.06 -10.06 0.53
N LYS B 13 -13.89 -9.09 0.16
CA LYS B 13 -14.18 -8.79 -1.26
C LYS B 13 -12.87 -8.55 -1.97
N GLY B 14 -12.08 -7.62 -1.43
CA GLY B 14 -10.78 -7.28 -2.01
C GLY B 14 -9.85 -8.46 -2.18
N LEU B 15 -9.90 -9.38 -1.21
CA LEU B 15 -9.11 -10.60 -1.28
C LEU B 15 -9.55 -11.46 -2.47
N ILE B 16 -10.84 -11.76 -2.58
CA ILE B 16 -11.35 -12.68 -3.59
C ILE B 16 -10.94 -12.29 -5.05
N LYS B 17 -10.95 -10.98 -5.28
CA LYS B 17 -10.50 -10.37 -6.52
C LYS B 17 -8.97 -10.25 -6.60
N SER B 18 -8.29 -10.46 -5.47
CA SER B 18 -6.84 -10.38 -5.35
C SER B 18 -6.07 -11.42 -6.17
N LYS B 19 -6.71 -12.54 -6.51
CA LYS B 19 -5.99 -13.67 -7.09
C LYS B 19 -6.94 -14.62 -7.88
N PRO B 20 -6.38 -15.49 -8.76
CA PRO B 20 -7.14 -16.42 -9.61
C PRO B 20 -7.94 -17.53 -8.90
N VAL B 21 -7.26 -18.37 -8.11
CA VAL B 21 -7.89 -19.50 -7.43
C VAL B 21 -8.31 -19.11 -6.03
N VAL B 22 -9.60 -19.29 -5.76
CA VAL B 22 -10.22 -18.79 -4.54
C VAL B 22 -10.84 -19.99 -3.81
N ALA B 23 -10.28 -20.34 -2.66
CA ALA B 23 -10.65 -21.58 -1.93
C ALA B 23 -11.27 -21.22 -0.64
N ILE B 24 -12.27 -22.01 -0.23
CA ILE B 24 -12.73 -22.05 1.15
C ILE B 24 -11.95 -23.20 1.84
N VAL B 25 -11.43 -22.93 3.03
CA VAL B 25 -10.83 -23.96 3.87
C VAL B 25 -11.53 -23.92 5.23
N ASP B 26 -11.23 -24.92 6.05
CA ASP B 26 -11.86 -25.07 7.37
C ASP B 26 -10.76 -25.24 8.41
N MET B 27 -10.75 -24.33 9.39
CA MET B 27 -9.82 -24.33 10.54
C MET B 27 -10.49 -24.60 11.87
N MET B 28 -11.78 -24.92 11.86
CA MET B 28 -12.49 -25.38 13.05
C MET B 28 -11.68 -26.51 13.76
N ASP B 29 -11.84 -26.60 15.08
CA ASP B 29 -11.21 -27.61 15.96
C ASP B 29 -9.70 -27.70 15.98
N VAL B 30 -9.04 -26.89 15.16
CA VAL B 30 -7.59 -27.00 15.01
C VAL B 30 -6.87 -26.17 16.07
N PRO B 31 -6.03 -26.81 16.92
CA PRO B 31 -5.28 -26.11 17.98
C PRO B 31 -4.33 -24.96 17.54
N ALA B 32 -4.27 -23.90 18.33
CA ALA B 32 -3.72 -22.64 17.86
C ALA B 32 -2.20 -22.63 17.62
N PRO B 33 -1.44 -23.49 18.32
CA PRO B 33 -0.03 -23.61 17.94
C PRO B 33 0.11 -24.23 16.59
N GLN B 34 -0.85 -25.10 16.27
CA GLN B 34 -0.84 -25.82 15.02
C GLN B 34 -1.32 -24.96 13.87
N LEU B 35 -1.93 -23.84 14.15
CA LEU B 35 -2.38 -22.99 13.08
C LEU B 35 -1.30 -21.99 12.76
N GLN B 36 -0.61 -21.56 13.79
CA GLN B 36 0.59 -20.79 13.64
C GLN B 36 1.65 -21.54 12.82
N GLU B 37 1.76 -22.87 12.98
CA GLU B 37 2.76 -23.65 12.21
C GLU B 37 2.40 -23.58 10.73
N ILE B 38 1.20 -24.05 10.41
CA ILE B 38 0.72 -24.03 9.06
C ILE B 38 0.82 -22.58 8.51
N ARG B 39 0.23 -21.61 9.21
CA ARG B 39 0.22 -20.19 8.76
C ARG B 39 1.57 -19.68 8.39
N ASP B 40 2.59 -20.15 9.12
CA ASP B 40 3.98 -19.82 8.84
C ASP B 40 4.46 -20.56 7.56
N LYS B 41 4.10 -21.82 7.41
CA LYS B 41 4.53 -22.65 6.28
C LYS B 41 3.92 -22.32 4.92
N ILE B 42 2.85 -21.54 4.87
CA ILE B 42 2.15 -21.30 3.58
C ILE B 42 2.11 -19.83 3.24
N ARG B 43 3.10 -19.12 3.72
CA ARG B 43 3.09 -17.70 3.87
C ARG B 43 3.17 -17.01 2.59
N ASP B 44 3.83 -17.60 1.65
CA ASP B 44 4.11 -16.95 0.38
C ASP B 44 3.63 -17.87 -0.67
N LYS B 45 2.42 -18.29 -0.51
CA LYS B 45 1.88 -19.25 -1.37
C LYS B 45 0.41 -19.18 -1.34
N VAL B 46 -0.15 -18.67 -0.26
CA VAL B 46 -1.56 -18.35 -0.20
C VAL B 46 -1.77 -17.28 0.83
N LYS B 47 -2.89 -16.61 0.73
CA LYS B 47 -3.28 -15.68 1.76
C LYS B 47 -4.49 -16.33 2.36
N LEU B 48 -4.66 -16.13 3.67
CA LEU B 48 -5.63 -16.85 4.48
C LEU B 48 -6.16 -15.91 5.51
N ARG B 49 -7.47 -15.67 5.51
CA ARG B 49 -8.11 -14.82 6.49
C ARG B 49 -9.30 -15.58 6.95
N MET B 50 -9.54 -15.61 8.22
CA MET B 50 -10.75 -16.18 8.71
C MET B 50 -11.70 -15.04 8.99
N SER B 51 -13.00 -15.33 9.10
CA SER B 51 -14.04 -14.31 9.36
C SER B 51 -15.35 -15.00 9.37
N ARG B 52 -16.36 -14.37 9.93
CA ARG B 52 -17.70 -14.98 10.00
C ARG B 52 -18.27 -15.47 8.69
N ASN B 53 -18.91 -16.61 8.76
CA ASN B 53 -19.30 -17.29 7.56
C ASN B 53 -20.39 -16.45 6.82
N THR B 54 -21.33 -15.89 7.58
CA THR B 54 -22.43 -15.10 7.02
C THR B 54 -21.84 -13.98 6.24
N LEU B 55 -20.73 -13.47 6.75
CA LEU B 55 -20.03 -12.38 6.09
C LEU B 55 -19.19 -12.90 4.98
N ILE B 56 -18.53 -14.05 5.15
CA ILE B 56 -17.80 -14.66 4.03
C ILE B 56 -18.74 -14.85 2.84
N ILE B 57 -19.94 -15.40 3.07
CA ILE B 57 -20.88 -15.59 1.96
C ILE B 57 -21.30 -14.26 1.34
N ARG B 58 -21.44 -13.21 2.15
CA ARG B 58 -21.76 -11.89 1.61
C ARG B 58 -20.69 -11.51 0.60
N ALA B 59 -19.46 -11.42 1.08
CA ALA B 59 -18.33 -11.05 0.25
C ALA B 59 -18.33 -11.81 -1.06
N LEU B 60 -18.26 -13.12 -0.98
CA LEU B 60 -18.31 -13.95 -2.16
C LEU B 60 -19.44 -13.51 -3.11
N LYS B 61 -20.64 -13.38 -2.56
CA LYS B 61 -21.81 -13.00 -3.35
C LYS B 61 -21.61 -11.68 -4.12
N GLU B 62 -21.03 -10.68 -3.46
CA GLU B 62 -20.88 -9.36 -4.06
C GLU B 62 -19.66 -9.33 -4.95
N ALA B 63 -18.68 -10.15 -4.65
CA ALA B 63 -17.49 -10.26 -5.47
C ALA B 63 -17.93 -10.78 -6.83
N ALA B 64 -18.56 -11.94 -6.86
CA ALA B 64 -19.09 -12.50 -8.10
C ALA B 64 -20.00 -11.51 -8.85
N GLU B 65 -20.97 -10.95 -8.12
CA GLU B 65 -21.96 -10.00 -8.66
C GLU B 65 -21.24 -8.82 -9.34
N GLU B 66 -20.09 -8.45 -8.79
CA GLU B 66 -19.30 -7.35 -9.28
C GLU B 66 -18.20 -7.79 -10.19
N LEU B 67 -18.02 -9.09 -10.36
CA LEU B 67 -17.12 -9.65 -11.41
C LEU B 67 -17.95 -10.24 -12.55
N ASN B 68 -19.27 -10.24 -12.36
CA ASN B 68 -20.27 -10.63 -13.36
C ASN B 68 -20.10 -12.05 -13.80
N ASN B 69 -19.68 -12.91 -12.87
CA ASN B 69 -19.73 -14.36 -13.07
C ASN B 69 -20.42 -15.10 -11.90
N PRO B 70 -21.37 -15.99 -12.22
CA PRO B 70 -22.00 -16.94 -11.29
C PRO B 70 -21.07 -17.87 -10.52
N LYS B 71 -19.97 -18.30 -11.13
CA LYS B 71 -19.16 -19.43 -10.60
C LYS B 71 -18.25 -19.09 -9.40
N LEU B 72 -18.40 -17.88 -8.89
CA LEU B 72 -17.95 -17.56 -7.56
C LEU B 72 -19.14 -17.56 -6.62
N ALA B 73 -20.28 -17.04 -7.09
CA ALA B 73 -21.51 -17.10 -6.28
C ALA B 73 -21.76 -18.50 -5.67
N GLU B 74 -21.12 -19.51 -6.26
CA GLU B 74 -21.31 -20.90 -5.85
C GLU B 74 -20.33 -21.42 -4.81
N LEU B 75 -19.43 -20.58 -4.32
CA LEU B 75 -18.63 -21.01 -3.20
C LEU B 75 -19.42 -20.89 -1.91
N ALA B 76 -20.35 -19.96 -1.87
CA ALA B 76 -21.25 -19.81 -0.72
C ALA B 76 -22.15 -21.03 -0.43
N ASN B 77 -22.35 -21.86 -1.43
CA ASN B 77 -23.05 -23.09 -1.24
C ASN B 77 -22.29 -23.95 -0.25
N TYR B 78 -20.96 -23.91 -0.28
CA TYR B 78 -20.12 -24.86 0.46
C TYR B 78 -19.51 -24.32 1.72
N VAL B 79 -20.05 -23.22 2.25
CA VAL B 79 -19.45 -22.58 3.43
C VAL B 79 -20.11 -23.12 4.71
N GLU B 80 -19.29 -23.75 5.56
CA GLU B 80 -19.75 -24.35 6.79
C GLU B 80 -18.64 -24.26 7.83
N ARG B 81 -19.02 -24.27 9.10
CA ARG B 81 -18.09 -24.56 10.17
C ARG B 81 -17.04 -23.46 10.27
N GLY B 82 -15.77 -23.73 10.36
CA GLY B 82 -14.84 -22.64 10.56
C GLY B 82 -14.38 -22.38 9.21
N ALA B 83 -14.76 -21.27 8.64
CA ALA B 83 -14.67 -21.12 7.23
C ALA B 83 -13.88 -19.96 7.04
N ALA B 84 -12.81 -20.14 6.31
CA ALA B 84 -11.88 -19.08 6.12
C ALA B 84 -11.64 -19.07 4.67
N ILE B 85 -11.57 -17.88 4.13
CA ILE B 85 -11.23 -17.64 2.76
C ILE B 85 -9.73 -17.74 2.56
N LEU B 86 -9.34 -18.44 1.50
CA LEU B 86 -7.94 -18.65 1.20
C LEU B 86 -7.80 -18.48 -0.29
N VAL B 87 -6.91 -17.57 -0.69
CA VAL B 87 -6.76 -17.26 -2.09
C VAL B 87 -5.31 -17.38 -2.49
N THR B 88 -5.08 -17.68 -3.75
CA THR B 88 -3.72 -17.93 -4.16
C THR B 88 -3.71 -18.09 -5.66
N ASP B 89 -2.54 -18.41 -6.22
CA ASP B 89 -2.37 -18.72 -7.65
C ASP B 89 -2.02 -20.20 -7.96
N MET B 90 -1.58 -20.96 -6.94
CA MET B 90 -1.28 -22.41 -7.07
C MET B 90 -2.54 -23.18 -7.37
N ASN B 91 -2.50 -24.08 -8.35
CA ASN B 91 -3.76 -24.71 -8.81
C ASN B 91 -4.30 -25.71 -7.79
N PRO B 92 -5.60 -25.91 -7.79
CA PRO B 92 -6.30 -26.64 -6.78
C PRO B 92 -5.79 -27.97 -6.39
N PHE B 93 -4.93 -28.58 -7.19
CA PHE B 93 -4.42 -29.88 -6.86
C PHE B 93 -3.14 -29.71 -6.08
N LYS B 94 -2.43 -28.65 -6.37
CA LYS B 94 -1.24 -28.38 -5.64
C LYS B 94 -1.60 -27.82 -4.30
N LEU B 95 -2.82 -27.40 -4.13
CA LEU B 95 -3.22 -26.71 -2.94
C LEU B 95 -3.85 -27.68 -2.03
N TYR B 96 -4.53 -28.64 -2.60
CA TYR B 96 -4.85 -29.80 -1.87
C TYR B 96 -3.58 -30.43 -1.33
N LYS B 97 -2.49 -30.55 -2.11
CA LYS B 97 -1.30 -31.32 -1.65
C LYS B 97 -0.51 -30.62 -0.57
N LEU B 98 -0.31 -29.32 -0.77
CA LEU B 98 0.28 -28.43 0.21
C LEU B 98 -0.43 -28.54 1.58
N LEU B 99 -1.75 -28.30 1.58
CA LEU B 99 -2.49 -28.25 2.82
C LEU B 99 -2.48 -29.57 3.56
N GLU B 100 -2.68 -30.65 2.81
CA GLU B 100 -2.55 -31.99 3.33
C GLU B 100 -1.19 -32.15 3.98
N GLU B 101 -0.11 -31.91 3.23
CA GLU B 101 1.26 -32.01 3.75
C GLU B 101 1.43 -31.35 5.11
N ASN B 102 0.81 -30.21 5.28
CA ASN B 102 0.79 -29.49 6.56
C ASN B 102 -0.48 -29.85 7.35
N LYS B 103 -0.75 -31.16 7.45
CA LYS B 103 -1.62 -31.72 8.47
C LYS B 103 -0.69 -32.32 9.50
N SER B 104 -1.08 -32.26 10.75
CA SER B 104 -0.24 -32.71 11.86
C SER B 104 -1.07 -33.58 12.84
N PRO B 105 -0.50 -34.70 13.29
CA PRO B 105 -1.27 -35.72 14.04
C PRO B 105 -1.87 -35.13 15.28
N ALA B 106 -3.03 -35.61 15.68
CA ALA B 106 -3.70 -35.04 16.87
C ALA B 106 -4.52 -36.10 17.61
N PRO B 107 -4.77 -35.86 18.91
CA PRO B 107 -5.62 -36.75 19.68
C PRO B 107 -7.06 -36.56 19.28
N VAL B 108 -8.06 -38.41 18.46
CA VAL B 108 -9.45 -38.26 18.07
C VAL B 108 -10.29 -37.79 19.27
N ARG B 109 -11.40 -37.09 18.99
CA ARG B 109 -12.28 -36.52 20.04
C ARG B 109 -13.43 -37.47 20.46
N GLY B 110 -13.98 -37.23 21.66
CA GLY B 110 -15.09 -38.03 22.20
C GLY B 110 -16.45 -37.78 21.55
N GLY B 111 -16.98 -38.82 20.90
CA GLY B 111 -18.21 -38.76 20.13
C GLY B 111 -17.93 -38.72 18.64
N GLN B 112 -16.70 -38.39 18.29
CA GLN B 112 -16.33 -38.18 16.90
C GLN B 112 -16.37 -39.49 16.10
N ILE B 113 -16.79 -39.38 14.84
CA ILE B 113 -16.70 -40.48 13.86
C ILE B 113 -15.19 -40.76 13.60
N ALA B 114 -14.77 -42.01 13.74
CA ALA B 114 -13.37 -42.39 13.53
C ALA B 114 -12.98 -42.48 12.04
N PRO B 115 -12.42 -41.40 11.45
CA PRO B 115 -12.23 -41.42 10.00
C PRO B 115 -11.31 -42.55 9.46
N CYS B 116 -10.73 -43.37 10.35
CA CYS B 116 -10.04 -44.60 9.93
C CYS B 116 -9.88 -45.53 11.12
N LYS B 161 -13.20 -47.91 11.00
CA LYS B 161 -13.52 -46.75 10.19
C LYS B 161 -15.04 -46.59 10.07
N GLY B 162 -15.51 -45.38 10.37
CA GLY B 162 -16.93 -45.04 10.35
C GLY B 162 -17.53 -44.94 11.75
N GLU B 163 -16.91 -45.60 12.71
CA GLU B 163 -17.53 -45.83 14.00
C GLU B 163 -17.34 -44.67 14.96
N VAL B 164 -18.36 -44.40 15.77
CA VAL B 164 -18.34 -43.35 16.81
C VAL B 164 -17.39 -43.73 17.95
N VAL B 165 -16.44 -42.85 18.27
CA VAL B 165 -15.47 -43.09 19.34
C VAL B 165 -16.02 -42.56 20.66
N SER B 166 -16.36 -43.46 21.57
CA SER B 166 -16.95 -43.04 22.84
C SER B 166 -16.09 -41.94 23.53
N PRO B 167 -16.65 -41.27 24.55
CA PRO B 167 -15.91 -40.30 25.39
C PRO B 167 -14.75 -40.92 26.18
N LYS B 168 -14.95 -42.14 26.70
CA LYS B 168 -13.97 -42.85 27.54
C LYS B 168 -12.86 -43.56 26.75
N LEU B 169 -13.20 -44.07 25.56
CA LEU B 169 -12.19 -44.62 24.66
C LEU B 169 -11.17 -43.55 24.30
N ALA B 170 -11.65 -42.46 23.71
CA ALA B 170 -10.83 -41.28 23.40
C ALA B 170 -10.07 -40.67 24.62
N ALA B 171 -10.73 -40.61 25.78
CA ALA B 171 -10.08 -40.10 26.99
C ALA B 171 -8.88 -40.98 27.35
N VAL B 172 -9.02 -42.27 27.09
CA VAL B 172 -7.95 -43.27 27.28
C VAL B 172 -6.88 -43.11 26.16
N LEU B 173 -7.30 -43.16 24.89
CA LEU B 173 -6.40 -42.87 23.77
C LEU B 173 -5.58 -41.61 24.09
N ASP B 174 -6.27 -40.48 24.29
CA ASP B 174 -5.61 -39.23 24.69
C ASP B 174 -4.65 -39.41 25.88
N ARG B 175 -5.00 -40.30 26.83
CA ARG B 175 -4.14 -40.56 27.98
C ARG B 175 -2.84 -41.24 27.54
N LEU B 176 -2.96 -42.26 26.71
CA LEU B 176 -1.77 -42.99 26.21
C LEU B 176 -0.79 -42.10 25.46
N GLY B 177 -1.31 -41.05 24.82
CA GLY B 177 -0.52 -40.20 23.93
C GLY B 177 -0.73 -40.54 22.47
N ILE B 178 -1.83 -41.24 22.17
CA ILE B 178 -2.16 -41.66 20.82
C ILE B 178 -2.85 -40.52 20.04
N LYS B 179 -2.42 -40.37 18.78
CA LYS B 179 -2.77 -39.23 17.93
C LYS B 179 -2.97 -39.72 16.49
N PRO B 180 -4.18 -40.27 16.21
CA PRO B 180 -4.49 -41.06 15.00
C PRO B 180 -5.20 -40.35 13.85
N ILE B 181 -5.62 -39.12 14.10
CA ILE B 181 -6.46 -38.38 13.19
C ILE B 181 -5.60 -37.27 12.58
N LYS B 182 -5.69 -37.14 11.27
CA LYS B 182 -4.82 -36.23 10.50
C LYS B 182 -5.51 -34.85 10.39
N VAL B 183 -4.95 -33.82 11.04
CA VAL B 183 -5.63 -32.52 11.22
C VAL B 183 -4.82 -31.34 10.66
N GLY B 184 -5.51 -30.31 10.17
CA GLY B 184 -4.85 -29.14 9.57
C GLY B 184 -5.87 -28.28 8.83
N LEU B 185 -5.43 -27.50 7.84
CA LEU B 185 -6.39 -26.71 7.05
C LEU B 185 -7.16 -27.64 6.13
N ASN B 186 -8.49 -27.50 6.11
CA ASN B 186 -9.38 -28.48 5.46
C ASN B 186 -10.23 -27.91 4.33
N ILE B 187 -9.92 -28.26 3.09
CA ILE B 187 -10.57 -27.60 1.94
C ILE B 187 -12.05 -27.94 1.89
N LEU B 188 -12.89 -26.92 1.76
CA LEU B 188 -14.31 -27.13 1.46
C LEU B 188 -14.55 -27.00 -0.05
N ALA B 189 -13.92 -26.01 -0.69
CA ALA B 189 -13.99 -25.84 -2.16
C ALA B 189 -12.79 -25.04 -2.70
N VAL B 190 -12.55 -25.12 -4.01
CA VAL B 190 -11.66 -24.17 -4.68
C VAL B 190 -12.33 -23.80 -5.98
N TYR B 191 -12.15 -22.54 -6.36
CA TYR B 191 -12.52 -22.03 -7.65
C TYR B 191 -11.31 -21.86 -8.60
N GLU B 192 -11.52 -22.17 -9.88
CA GLU B 192 -10.45 -22.12 -10.87
C GLU B 192 -11.01 -22.13 -12.28
N ASP B 193 -10.92 -20.99 -12.94
CA ASP B 193 -11.35 -20.86 -14.32
C ASP B 193 -12.70 -21.56 -14.58
N GLY B 194 -13.77 -20.90 -14.13
CA GLY B 194 -15.14 -21.26 -14.44
C GLY B 194 -15.64 -22.55 -13.86
N ILE B 195 -14.96 -23.08 -12.84
CA ILE B 195 -15.49 -24.23 -12.10
C ILE B 195 -14.96 -24.44 -10.64
N ILE B 196 -15.71 -25.25 -9.92
CA ILE B 196 -15.58 -25.51 -8.51
C ILE B 196 -14.88 -26.88 -8.42
N TYR B 197 -13.98 -27.02 -7.47
CA TYR B 197 -13.31 -28.28 -7.24
C TYR B 197 -13.56 -28.76 -5.82
N THR B 198 -14.31 -29.84 -5.71
CA THR B 198 -14.78 -30.35 -4.41
C THR B 198 -13.92 -31.57 -4.02
N PRO B 199 -13.26 -31.57 -2.82
CA PRO B 199 -12.35 -32.66 -2.40
C PRO B 199 -12.78 -34.05 -2.83
N ASP B 200 -14.09 -34.29 -2.84
CA ASP B 200 -14.67 -35.40 -3.59
C ASP B 200 -13.74 -35.75 -4.77
N VAL B 201 -13.41 -34.73 -5.57
CA VAL B 201 -12.56 -34.88 -6.76
C VAL B 201 -11.06 -34.85 -6.50
N LEU B 202 -10.60 -34.05 -5.54
CA LEU B 202 -9.18 -33.70 -5.46
C LEU B 202 -8.21 -34.76 -4.96
N LYS B 203 -8.68 -35.76 -4.21
CA LYS B 203 -7.76 -36.69 -3.51
C LYS B 203 -7.09 -37.77 -4.41
N VAL B 204 -7.81 -38.24 -5.43
CA VAL B 204 -7.39 -39.39 -6.20
C VAL B 204 -8.15 -39.42 -7.52
N ALA C 2 4.07 -47.19 24.42
CA ALA C 2 3.76 -45.73 24.48
C ALA C 2 5.04 -44.89 24.32
N LYS C 3 4.86 -43.58 24.11
CA LYS C 3 5.98 -42.63 24.10
C LYS C 3 5.69 -41.48 25.06
N GLU C 4 6.70 -41.07 25.82
CA GLU C 4 6.53 -39.99 26.79
C GLU C 4 7.54 -38.88 26.54
N VAL C 5 7.04 -37.68 26.27
CA VAL C 5 7.87 -36.49 26.15
C VAL C 5 7.94 -35.86 27.55
N VAL C 6 9.15 -35.54 28.02
CA VAL C 6 9.34 -34.92 29.35
C VAL C 6 10.12 -33.61 29.27
N GLU C 7 9.44 -32.48 29.46
CA GLU C 7 10.05 -31.14 29.28
C GLU C 7 10.39 -30.54 30.63
N VAL C 8 11.67 -30.17 30.80
CA VAL C 8 12.19 -29.71 32.08
C VAL C 8 13.26 -28.64 31.92
N LEU C 9 13.36 -27.78 32.93
CA LEU C 9 14.38 -26.75 32.98
C LEU C 9 15.52 -27.26 33.89
N VAL C 10 16.71 -27.37 33.33
CA VAL C 10 17.87 -27.84 34.10
C VAL C 10 18.82 -26.67 34.24
N THR C 11 19.93 -26.87 34.94
CA THR C 11 21.06 -25.92 34.92
C THR C 11 22.08 -26.49 33.94
N GLY C 12 22.35 -25.74 32.87
CA GLY C 12 23.17 -26.22 31.76
C GLY C 12 24.54 -26.75 32.18
N GLY C 13 24.79 -28.02 31.87
CA GLY C 13 26.04 -28.69 32.20
C GLY C 13 25.99 -29.49 33.49
N ARG C 14 25.25 -29.00 34.48
CA ARG C 14 25.24 -29.58 35.81
C ARG C 14 23.92 -30.30 36.11
N ALA C 15 23.40 -31.05 35.13
CA ALA C 15 22.22 -31.88 35.34
C ALA C 15 22.57 -33.11 36.18
N THR C 16 21.66 -33.46 37.09
CA THR C 16 21.87 -34.51 38.08
C THR C 16 20.80 -35.57 37.93
N ALA C 17 20.97 -36.69 38.60
CA ALA C 17 19.97 -37.77 38.61
C ALA C 17 18.97 -37.66 39.79
N GLY C 18 18.58 -36.43 40.15
CA GLY C 18 17.59 -36.20 41.22
C GLY C 18 17.68 -34.79 41.81
N PRO C 19 16.56 -34.07 41.97
CA PRO C 19 15.23 -34.49 41.49
C PRO C 19 14.99 -34.27 39.97
N PRO C 20 14.70 -33.02 39.52
CA PRO C 20 13.94 -32.74 38.27
C PRO C 20 13.90 -33.87 37.25
N LEU C 21 15.07 -34.39 36.91
CA LEU C 21 15.20 -35.49 35.95
C LEU C 21 14.62 -36.80 36.50
N GLY C 22 15.05 -37.17 37.71
CA GLY C 22 14.71 -38.46 38.36
C GLY C 22 13.24 -38.81 38.56
N PRO C 23 12.47 -37.99 39.32
CA PRO C 23 11.02 -38.17 39.45
C PRO C 23 10.24 -38.14 38.14
N ALA C 24 10.85 -37.63 37.07
CA ALA C 24 10.25 -37.63 35.74
C ALA C 24 10.68 -38.84 34.87
N ILE C 25 11.98 -39.16 34.85
CA ILE C 25 12.57 -40.13 33.89
C ILE C 25 12.82 -41.55 34.49
N GLY C 26 13.07 -41.63 35.80
CA GLY C 26 13.21 -42.91 36.51
C GLY C 26 12.00 -43.85 36.46
N PRO C 27 10.76 -43.29 36.55
CA PRO C 27 9.54 -44.04 36.24
C PRO C 27 9.61 -44.84 34.94
N LEU C 28 10.03 -44.19 33.85
CA LEU C 28 9.95 -44.76 32.50
C LEU C 28 10.92 -45.94 32.26
N GLY C 29 11.83 -46.21 33.20
CA GLY C 29 12.69 -47.38 33.14
C GLY C 29 13.81 -47.30 32.12
N VAL C 30 14.36 -46.10 31.94
CA VAL C 30 15.54 -45.86 31.10
C VAL C 30 16.66 -45.38 32.01
N ASN C 31 17.90 -45.75 31.69
CA ASN C 31 19.04 -45.38 32.53
C ASN C 31 19.03 -43.88 32.75
N VAL C 32 18.82 -43.47 34.01
CA VAL C 32 18.74 -42.04 34.37
C VAL C 32 20.10 -41.33 34.19
N MET C 33 21.19 -42.10 34.19
CA MET C 33 22.55 -41.56 34.10
C MET C 33 23.01 -41.27 32.66
N GLN C 34 22.65 -42.12 31.70
CA GLN C 34 22.88 -41.87 30.26
C GLN C 34 22.22 -40.56 29.82
N VAL C 35 21.03 -40.32 30.37
CA VAL C 35 20.25 -39.09 30.14
C VAL C 35 20.95 -37.89 30.77
N VAL C 36 21.30 -38.01 32.06
CA VAL C 36 22.03 -36.95 32.77
C VAL C 36 23.39 -36.69 32.11
N LYS C 37 23.99 -37.73 31.54
CA LYS C 37 25.20 -37.57 30.73
C LYS C 37 24.87 -36.75 29.48
N GLU C 38 24.01 -37.28 28.63
CA GLU C 38 23.68 -36.67 27.32
C GLU C 38 23.14 -35.23 27.44
N ILE C 39 22.49 -34.92 28.57
CA ILE C 39 22.08 -33.55 28.85
C ILE C 39 23.34 -32.69 29.10
N ASN C 40 24.22 -33.14 29.99
CA ASN C 40 25.41 -32.37 30.36
C ASN C 40 26.44 -32.23 29.22
N GLU C 41 26.34 -33.07 28.18
CA GLU C 41 27.14 -32.94 26.95
C GLU C 41 26.71 -31.75 26.11
N LYS C 42 25.43 -31.74 25.74
CA LYS C 42 24.87 -30.73 24.83
C LYS C 42 24.61 -29.36 25.49
N THR C 43 24.73 -29.27 26.81
CA THR C 43 24.63 -28.02 27.53
C THR C 43 25.95 -27.71 28.26
N LYS C 44 27.07 -27.90 27.56
CA LYS C 44 28.40 -27.51 28.06
C LYS C 44 28.60 -25.99 27.94
N ASP C 45 28.15 -25.45 26.81
CA ASP C 45 28.21 -24.01 26.50
C ASP C 45 27.50 -23.16 27.55
N TYR C 46 26.25 -23.53 27.81
CA TYR C 46 25.36 -22.78 28.71
C TYR C 46 25.62 -22.95 30.22
N GLU C 47 26.84 -23.37 30.58
CA GLU C 47 27.19 -23.72 31.96
C GLU C 47 26.53 -22.76 32.98
N GLY C 48 25.80 -23.32 33.94
CA GLY C 48 25.28 -22.55 35.06
C GLY C 48 24.06 -21.68 34.80
N MET C 49 23.48 -21.78 33.60
CA MET C 49 22.25 -21.03 33.28
C MET C 49 21.05 -21.99 33.18
N GLN C 50 19.84 -21.43 33.33
CA GLN C 50 18.62 -22.25 33.19
C GLN C 50 18.33 -22.54 31.73
N VAL C 51 18.21 -23.82 31.42
CA VAL C 51 18.01 -24.28 30.05
C VAL C 51 16.82 -25.24 29.99
N PRO C 52 15.99 -25.10 28.97
CA PRO C 52 14.98 -26.12 28.70
C PRO C 52 15.60 -27.43 28.16
N VAL C 53 15.13 -28.59 28.63
CA VAL C 53 15.53 -29.89 28.08
C VAL C 53 14.34 -30.83 27.84
N LYS C 54 14.23 -31.37 26.62
CA LYS C 54 13.11 -32.22 26.23
C LYS C 54 13.60 -33.64 26.07
N VAL C 55 13.03 -34.56 26.84
CA VAL C 55 13.35 -35.99 26.74
C VAL C 55 12.17 -36.71 26.09
N ILE C 56 12.43 -37.32 24.93
CA ILE C 56 11.45 -38.13 24.20
C ILE C 56 11.80 -39.60 24.42
N VAL C 57 10.98 -40.31 25.20
CA VAL C 57 11.27 -41.70 25.56
C VAL C 57 10.24 -42.63 24.93
N ASP C 58 10.72 -43.77 24.43
CA ASP C 58 9.87 -44.90 24.11
C ASP C 58 9.92 -45.85 25.30
N THR C 59 8.79 -46.01 25.99
CA THR C 59 8.74 -46.82 27.22
C THR C 59 9.03 -48.29 26.93
N GLU C 60 8.44 -48.84 25.87
CA GLU C 60 8.67 -50.25 25.53
C GLU C 60 10.15 -50.50 25.30
N THR C 61 10.72 -49.79 24.33
CA THR C 61 12.12 -50.04 23.91
C THR C 61 13.18 -49.27 24.72
N ARG C 62 12.79 -48.66 25.85
CA ARG C 62 13.73 -47.90 26.73
C ARG C 62 14.63 -46.87 26.00
N LYS C 63 14.26 -46.52 24.76
CA LYS C 63 15.11 -45.70 23.91
C LYS C 63 14.69 -44.25 23.97
N PHE C 64 15.66 -43.35 23.94
CA PHE C 64 15.43 -41.93 24.17
C PHE C 64 16.25 -41.01 23.24
N GLU C 65 15.85 -39.74 23.20
CA GLU C 65 16.58 -38.67 22.51
C GLU C 65 16.44 -37.36 23.33
N ILE C 66 17.49 -36.55 23.33
CA ILE C 66 17.53 -35.29 24.12
C ILE C 66 17.62 -34.07 23.20
N GLU C 67 16.55 -33.29 23.19
CA GLU C 67 16.50 -32.11 22.35
C GLU C 67 16.62 -30.84 23.20
N VAL C 68 17.83 -30.31 23.26
CA VAL C 68 18.14 -29.15 24.10
C VAL C 68 17.71 -27.83 23.43
N GLY C 69 17.29 -26.87 24.24
CA GLY C 69 16.86 -25.55 23.77
C GLY C 69 17.80 -24.41 24.14
N ILE C 70 17.27 -23.19 24.04
CA ILE C 70 18.01 -21.98 24.37
C ILE C 70 17.43 -21.37 25.67
N PRO C 71 18.26 -20.64 26.42
CA PRO C 71 17.69 -20.11 27.65
C PRO C 71 16.52 -19.13 27.48
N PRO C 72 15.74 -18.95 28.55
CA PRO C 72 14.78 -17.87 28.58
C PRO C 72 15.41 -16.54 28.19
N THR C 73 14.71 -15.74 27.43
CA THR C 73 15.20 -14.48 26.97
C THR C 73 15.42 -13.53 28.06
N THR C 74 15.19 -13.97 29.26
CA THR C 74 15.18 -13.10 30.40
C THR C 74 16.57 -13.25 30.89
N ALA C 75 16.97 -14.49 31.07
CA ALA C 75 18.30 -15.04 31.22
C ALA C 75 19.39 -14.59 30.23
N LEU C 76 19.03 -14.55 28.99
CA LEU C 76 19.86 -13.96 27.95
C LEU C 76 20.09 -12.47 28.20
N ILE C 77 19.04 -11.68 28.20
CA ILE C 77 19.14 -10.26 28.57
C ILE C 77 20.11 -10.07 29.77
N LYS C 78 19.85 -10.80 30.86
CA LYS C 78 20.66 -10.73 32.10
C LYS C 78 22.13 -11.02 31.86
N LYS C 79 22.42 -11.91 30.90
CA LYS C 79 23.79 -12.36 30.59
C LYS C 79 24.60 -11.37 29.79
N GLU C 80 24.01 -10.70 28.81
CA GLU C 80 24.73 -9.62 28.13
C GLU C 80 24.91 -8.50 29.12
N LEU C 81 23.98 -8.30 30.04
CA LEU C 81 24.16 -7.26 31.07
C LEU C 81 25.25 -7.64 32.08
N GLY C 82 25.26 -8.90 32.49
CA GLY C 82 26.26 -9.41 33.42
C GLY C 82 25.74 -9.20 34.81
N ILE C 83 24.49 -9.60 35.03
CA ILE C 83 23.68 -9.16 36.19
C ILE C 83 23.04 -10.36 36.91
N GLU C 84 22.89 -10.20 38.23
CA GLU C 84 22.42 -11.24 39.09
C GLU C 84 20.90 -11.30 38.99
N THR C 85 20.29 -10.14 39.18
CA THR C 85 18.89 -10.01 39.45
C THR C 85 18.33 -8.75 38.80
N ALA C 86 17.22 -8.87 38.10
CA ALA C 86 16.64 -7.73 37.39
C ALA C 86 15.83 -6.81 38.33
N ALA C 87 15.08 -5.86 37.78
CA ALA C 87 14.53 -4.74 38.57
C ALA C 87 13.65 -5.29 39.64
N HIS C 88 13.64 -4.69 40.83
CA HIS C 88 12.69 -5.17 41.86
C HIS C 88 11.27 -4.67 41.61
N GLU C 89 11.19 -3.61 40.83
CA GLU C 89 9.96 -2.87 40.62
C GLU C 89 10.09 -2.25 39.23
N PRO C 90 9.97 -3.08 38.19
CA PRO C 90 10.11 -2.75 36.77
C PRO C 90 9.56 -1.39 36.38
N ARG C 91 10.25 -0.67 35.49
CA ARG C 91 9.86 0.71 35.05
C ARG C 91 9.91 1.82 36.11
N HIS C 92 10.23 1.43 37.35
CA HIS C 92 10.49 2.35 38.43
C HIS C 92 11.92 2.32 38.86
N GLU C 93 12.77 1.71 38.03
CA GLU C 93 14.22 1.70 38.17
C GLU C 93 14.77 1.10 36.90
N VAL C 94 16.10 1.13 36.83
CA VAL C 94 16.83 0.60 35.70
C VAL C 94 17.79 -0.40 36.25
N VAL C 95 17.79 -1.56 35.64
CA VAL C 95 18.69 -2.65 36.03
C VAL C 95 20.03 -2.50 35.34
N GLY C 96 20.00 -1.79 34.22
CA GLY C 96 21.03 -1.82 33.24
C GLY C 96 20.43 -1.55 31.87
N ASN C 97 21.28 -1.00 31.01
CA ASN C 97 20.94 -0.74 29.63
C ASN C 97 21.79 -1.58 28.62
N LEU C 98 21.11 -2.18 27.64
CA LEU C 98 21.77 -2.76 26.52
C LEU C 98 21.44 -1.85 25.31
N THR C 99 22.39 -1.87 24.37
CA THR C 99 22.28 -1.38 22.99
C THR C 99 21.08 -1.98 22.21
N LEU C 100 20.77 -1.41 21.04
CA LEU C 100 19.98 -2.10 20.04
C LEU C 100 20.72 -3.33 19.54
N GLU C 101 21.92 -3.17 19.01
CA GLU C 101 22.66 -4.32 18.46
C GLU C 101 22.54 -5.62 19.28
N GLN C 102 22.65 -5.53 20.62
CA GLN C 102 22.64 -6.74 21.48
C GLN C 102 21.25 -7.34 21.45
N VAL C 103 20.24 -6.51 21.65
CA VAL C 103 18.86 -6.93 21.48
C VAL C 103 18.67 -7.72 20.20
N ILE C 104 19.35 -7.31 19.13
CA ILE C 104 19.34 -8.04 17.83
C ILE C 104 19.99 -9.41 17.93
N LYS C 105 21.02 -9.50 18.77
CA LYS C 105 21.65 -10.78 19.06
C LYS C 105 20.69 -11.73 19.78
N ILE C 106 19.93 -11.20 20.74
CA ILE C 106 18.98 -12.02 21.52
C ILE C 106 17.80 -12.41 20.62
N ALA C 107 17.36 -11.42 19.85
CA ALA C 107 16.36 -11.61 18.81
C ALA C 107 16.75 -12.67 17.80
N LYS C 108 17.97 -12.56 17.27
CA LYS C 108 18.45 -13.45 16.22
C LYS C 108 18.70 -14.85 16.80
N MET C 109 19.02 -14.87 18.08
CA MET C 109 19.32 -16.10 18.78
C MET C 109 18.06 -16.97 18.94
N LYS C 110 16.88 -16.33 18.97
CA LYS C 110 15.66 -16.95 19.46
C LYS C 110 14.46 -16.96 18.48
N LYS C 111 14.65 -16.39 17.30
CA LYS C 111 13.62 -16.35 16.24
C LYS C 111 12.85 -17.64 15.99
N ASP C 112 13.48 -18.79 16.16
CA ASP C 112 12.77 -20.04 15.86
C ASP C 112 11.75 -20.46 16.93
N ALA C 113 12.03 -20.16 18.19
CA ALA C 113 11.06 -20.37 19.25
C ALA C 113 9.94 -19.37 19.15
N MET C 114 10.27 -18.18 18.67
CA MET C 114 9.30 -17.07 18.48
C MET C 114 8.34 -17.33 17.32
N LEU C 115 7.12 -16.80 17.40
CA LEU C 115 6.24 -16.91 16.25
C LEU C 115 6.21 -15.70 15.29
N SER C 116 7.04 -14.70 15.53
CA SER C 116 7.24 -13.63 14.54
C SER C 116 8.29 -14.03 13.50
N TYR C 117 7.90 -14.00 12.24
CA TYR C 117 8.79 -14.44 11.15
C TYR C 117 9.91 -13.48 10.71
N THR C 118 9.88 -12.21 11.12
CA THR C 118 10.94 -11.22 10.76
C THR C 118 11.76 -10.64 11.95
N LEU C 119 13.08 -10.66 11.81
CA LEU C 119 13.99 -10.25 12.88
C LEU C 119 13.65 -8.89 13.50
N LYS C 120 12.88 -8.08 12.77
CA LYS C 120 12.33 -6.81 13.29
C LYS C 120 11.48 -7.09 14.48
N ASN C 121 10.36 -7.78 14.24
CA ASN C 121 9.29 -8.08 15.25
C ASN C 121 9.70 -9.06 16.38
N ALA C 122 10.72 -9.86 16.14
CA ALA C 122 11.30 -10.74 17.13
C ALA C 122 12.18 -9.90 18.05
N VAL C 123 12.72 -8.81 17.51
CA VAL C 123 13.40 -7.83 18.32
C VAL C 123 12.34 -7.12 19.13
N LYS C 124 11.19 -6.90 18.52
CA LYS C 124 10.07 -6.26 19.18
C LYS C 124 9.60 -7.10 20.31
N GLU C 125 9.54 -8.41 20.13
CA GLU C 125 9.18 -9.33 21.23
C GLU C 125 10.15 -9.21 22.41
N VAL C 126 11.42 -9.27 22.05
CA VAL C 126 12.50 -9.20 23.03
C VAL C 126 12.42 -7.89 23.80
N LEU C 127 12.20 -6.82 23.04
CA LEU C 127 12.09 -5.53 23.62
C LEU C 127 11.05 -5.62 24.71
N GLY C 128 9.91 -6.20 24.34
CA GLY C 128 8.77 -6.41 25.26
C GLY C 128 9.13 -7.12 26.55
N THR C 129 10.03 -8.13 26.45
CA THR C 129 10.72 -8.74 27.62
C THR C 129 11.61 -7.68 28.28
N CYS C 130 12.52 -7.08 27.51
CA CYS C 130 13.45 -6.11 28.04
C CYS C 130 12.74 -5.15 28.94
N GLY C 131 11.50 -4.83 28.60
CA GLY C 131 10.74 -3.83 29.35
C GLY C 131 10.10 -4.40 30.58
N SER C 132 10.24 -5.71 30.78
CA SER C 132 9.48 -6.40 31.79
C SER C 132 10.25 -6.50 33.11
N MET C 133 11.47 -6.02 33.05
CA MET C 133 12.46 -6.18 34.05
C MET C 133 13.19 -4.85 34.25
N GLY C 134 12.64 -3.72 33.78
CA GLY C 134 13.40 -2.46 33.73
C GLY C 134 14.80 -2.41 33.08
N VAL C 135 15.01 -3.11 31.99
CA VAL C 135 16.14 -2.80 31.11
C VAL C 135 15.71 -1.73 30.09
N THR C 136 16.66 -0.84 29.77
CA THR C 136 16.48 0.14 28.70
C THR C 136 17.28 -0.30 27.50
N VAL C 137 16.63 -0.23 26.34
CA VAL C 137 17.28 -0.33 25.07
C VAL C 137 17.50 1.09 24.56
N GLU C 138 18.76 1.51 24.64
CA GLU C 138 19.27 2.80 24.13
C GLU C 138 18.79 4.07 24.78
N GLY C 139 18.66 4.04 26.10
CA GLY C 139 18.40 5.20 26.88
C GLY C 139 16.92 5.24 27.06
N LYS C 140 16.22 4.53 26.18
CA LYS C 140 14.79 4.68 26.04
C LYS C 140 14.08 3.55 26.76
N ASP C 141 12.82 3.77 27.12
CA ASP C 141 11.93 2.67 27.44
C ASP C 141 11.93 1.82 26.16
N PRO C 142 12.18 0.50 26.30
CA PRO C 142 12.04 -0.43 25.20
C PRO C 142 10.71 -0.29 24.42
N LYS C 143 9.62 0.03 25.12
CA LYS C 143 8.36 0.36 24.46
C LYS C 143 8.62 1.46 23.42
N GLU C 144 9.21 2.55 23.88
CA GLU C 144 9.47 3.69 23.04
C GLU C 144 10.10 3.27 21.71
N VAL C 145 10.99 2.30 21.73
CA VAL C 145 11.76 1.96 20.52
C VAL C 145 11.06 0.90 19.67
N GLN C 146 10.04 0.27 20.23
CA GLN C 146 9.19 -0.62 19.51
C GLN C 146 8.52 0.20 18.42
N LYS C 147 8.04 1.37 18.79
CA LYS C 147 7.37 2.26 17.85
C LYS C 147 8.40 2.92 16.90
N GLU C 148 9.58 3.25 17.42
CA GLU C 148 10.66 3.73 16.57
C GLU C 148 11.06 2.69 15.52
N ILE C 149 11.00 1.42 15.87
CA ILE C 149 11.27 0.41 14.87
C ILE C 149 10.17 0.46 13.81
N ASP C 150 8.95 0.72 14.28
CA ASP C 150 7.77 0.83 13.40
C ASP C 150 7.88 2.00 12.45
N ALA C 151 8.26 3.16 12.97
CA ALA C 151 8.53 4.33 12.13
C ALA C 151 9.75 4.15 11.16
N GLY C 152 10.50 3.05 11.26
CA GLY C 152 11.64 2.79 10.37
C GLY C 152 12.96 3.44 10.80
N VAL C 153 12.93 4.06 11.98
CA VAL C 153 14.08 4.76 12.49
C VAL C 153 15.34 3.90 12.42
N TYR C 154 15.19 2.59 12.54
CA TYR C 154 16.33 1.68 12.71
C TYR C 154 16.64 0.80 11.47
N ASP C 155 16.03 1.12 10.32
CA ASP C 155 16.13 0.30 9.08
C ASP C 155 17.50 0.45 8.43
N GLU C 156 18.50 -0.10 9.09
CA GLU C 156 19.91 0.08 8.72
C GLU C 156 20.62 -1.23 9.14
N TYR C 157 20.31 -1.61 10.40
CA TYR C 157 20.58 -2.91 10.97
C TYR C 157 19.83 -4.03 10.25
N PHE C 158 18.60 -3.79 9.80
CA PHE C 158 17.78 -4.93 9.38
C PHE C 158 17.84 -5.27 7.90
N LYS C 159 18.30 -6.50 7.62
CA LYS C 159 18.18 -7.21 6.32
C LYS C 159 19.52 -7.85 5.92
N MET E 1 -23.04 7.32 14.82
CA MET E 1 -22.33 6.16 14.22
C MET E 1 -21.89 6.53 12.81
N ALA E 2 -20.68 7.07 12.70
CA ALA E 2 -20.11 7.52 11.43
C ALA E 2 -18.89 6.66 11.03
N PRO E 3 -19.15 5.44 10.52
CA PRO E 3 -18.14 4.38 10.50
C PRO E 3 -16.90 4.67 9.62
N TRP E 4 -17.08 5.33 8.47
CA TRP E 4 -15.93 5.72 7.64
C TRP E 4 -15.03 6.63 8.47
N LYS E 5 -15.60 7.41 9.38
CA LYS E 5 -14.81 8.24 10.24
C LYS E 5 -13.92 7.43 11.18
N ILE E 6 -14.52 6.63 12.05
CA ILE E 6 -13.72 5.75 12.94
C ILE E 6 -12.59 5.02 12.21
N GLU E 7 -12.89 4.47 11.03
CA GLU E 7 -11.85 3.84 10.18
C GLU E 7 -10.93 4.88 9.48
N GLU E 8 -11.46 6.07 9.18
CA GLU E 8 -10.64 7.09 8.58
C GLU E 8 -9.50 7.32 9.50
N VAL E 9 -9.85 7.69 10.73
CA VAL E 9 -8.90 8.02 11.82
C VAL E 9 -7.91 6.88 12.07
N LYS E 10 -8.32 5.66 11.75
CA LYS E 10 -7.40 4.53 11.87
C LYS E 10 -6.26 4.68 10.87
N THR E 11 -6.61 4.95 9.63
CA THR E 11 -5.60 4.94 8.58
C THR E 11 -4.71 6.18 8.72
N LEU E 12 -5.31 7.32 9.07
CA LEU E 12 -4.57 8.52 9.43
C LEU E 12 -3.57 8.21 10.51
N LYS E 13 -4.09 7.59 11.57
CA LYS E 13 -3.32 7.30 12.79
C LYS E 13 -2.20 6.28 12.53
N GLY E 14 -2.54 5.21 11.83
CA GLY E 14 -1.54 4.21 11.45
C GLY E 14 -0.49 4.85 10.55
N LEU E 15 -0.93 5.79 9.73
CA LEU E 15 -0.02 6.50 8.84
C LEU E 15 0.90 7.39 9.69
N ILE E 16 0.36 8.06 10.72
CA ILE E 16 1.14 8.93 11.62
C ILE E 16 2.37 8.20 12.19
N LYS E 17 2.16 6.92 12.50
CA LYS E 17 3.20 6.09 13.12
C LYS E 17 4.08 5.41 12.06
N SER E 18 3.72 5.62 10.78
CA SER E 18 4.45 5.10 9.62
C SER E 18 5.93 5.51 9.60
N LYS E 19 6.21 6.80 9.77
CA LYS E 19 7.54 7.38 9.55
C LYS E 19 7.98 8.32 10.72
N PRO E 20 9.29 8.67 10.77
CA PRO E 20 9.87 9.58 11.76
C PRO E 20 9.62 11.08 11.54
N VAL E 21 9.33 11.48 10.30
CA VAL E 21 8.96 12.86 9.99
C VAL E 21 7.46 12.98 9.68
N VAL E 22 6.73 13.66 10.56
CA VAL E 22 5.29 13.82 10.45
C VAL E 22 4.88 15.30 10.27
N ALA E 23 4.47 15.67 9.06
CA ALA E 23 4.18 17.07 8.71
C ALA E 23 2.75 17.27 8.26
N ILE E 24 2.21 18.45 8.55
CA ILE E 24 0.95 18.92 8.00
C ILE E 24 1.20 19.79 6.80
N VAL E 25 0.37 19.61 5.77
CA VAL E 25 0.46 20.43 4.56
C VAL E 25 -0.92 20.91 4.10
N ASP E 26 -0.89 21.92 3.23
CA ASP E 26 -2.07 22.59 2.72
C ASP E 26 -2.14 22.51 1.20
N MET E 27 -3.30 22.09 0.70
CA MET E 27 -3.59 21.94 -0.73
C MET E 27 -4.89 22.63 -1.22
N MET E 28 -5.61 23.30 -0.32
CA MET E 28 -6.76 24.13 -0.70
C MET E 28 -6.39 25.06 -1.84
N ASP E 29 -7.37 25.39 -2.68
CA ASP E 29 -7.13 26.22 -3.87
C ASP E 29 -6.11 25.65 -4.87
N VAL E 30 -5.66 24.40 -4.71
CA VAL E 30 -4.65 23.78 -5.59
C VAL E 30 -5.34 22.97 -6.67
N PRO E 31 -5.33 23.46 -7.95
CA PRO E 31 -6.19 22.73 -8.93
C PRO E 31 -5.69 21.30 -9.18
N ALA E 32 -6.64 20.39 -9.37
CA ALA E 32 -6.36 18.97 -9.27
C ALA E 32 -5.45 18.47 -10.37
N PRO E 33 -5.38 19.18 -11.49
CA PRO E 33 -4.40 18.68 -12.46
C PRO E 33 -3.00 18.92 -12.00
N GLN E 34 -2.83 19.91 -11.13
CA GLN E 34 -1.55 20.30 -10.56
C GLN E 34 -1.16 19.49 -9.33
N LEU E 35 -2.13 19.05 -8.59
CA LEU E 35 -1.82 18.28 -7.40
C LEU E 35 -1.53 16.83 -7.84
N GLN E 36 -2.09 16.44 -8.97
CA GLN E 36 -1.79 15.17 -9.62
C GLN E 36 -0.35 15.14 -10.16
N GLU E 37 0.10 16.32 -10.67
CA GLU E 37 1.51 16.59 -11.03
C GLU E 37 2.40 16.33 -9.82
N ILE E 38 2.28 17.19 -8.81
CA ILE E 38 3.08 17.09 -7.60
C ILE E 38 3.02 15.68 -7.03
N ARG E 39 1.80 15.18 -6.79
CA ARG E 39 1.63 13.81 -6.29
C ARG E 39 2.45 12.80 -7.03
N ASP E 40 2.62 12.99 -8.34
CA ASP E 40 3.44 12.09 -9.18
C ASP E 40 4.93 12.34 -9.01
N LYS E 41 5.32 13.59 -8.84
CA LYS E 41 6.71 13.93 -8.61
C LYS E 41 7.21 13.64 -7.18
N ILE E 42 6.31 13.44 -6.23
CA ILE E 42 6.73 13.06 -4.87
C ILE E 42 6.29 11.63 -4.52
N ARG E 43 5.85 10.89 -5.54
CA ARG E 43 5.29 9.52 -5.40
C ARG E 43 6.20 8.59 -4.57
N ASP E 44 7.50 8.65 -4.84
CA ASP E 44 8.45 7.76 -4.19
C ASP E 44 8.99 8.35 -2.89
N LYS E 45 8.87 9.66 -2.71
CA LYS E 45 9.56 10.35 -1.62
C LYS E 45 8.77 10.38 -0.34
N VAL E 46 7.46 10.59 -0.46
CA VAL E 46 6.57 10.73 0.71
C VAL E 46 5.29 9.90 0.56
N LYS E 47 4.41 10.04 1.56
CA LYS E 47 3.09 9.47 1.57
C LYS E 47 2.25 10.62 2.07
N LEU E 48 1.09 10.82 1.45
CA LEU E 48 0.31 12.06 1.57
C LEU E 48 -1.15 11.74 1.50
N ARG E 49 -1.89 11.99 2.57
CA ARG E 49 -3.33 11.77 2.58
C ARG E 49 -4.05 13.00 3.10
N MET E 50 -5.09 13.36 2.40
CA MET E 50 -6.00 14.40 2.84
C MET E 50 -7.07 13.81 3.73
N SER E 51 -7.71 14.66 4.48
CA SER E 51 -8.84 14.23 5.29
C SER E 51 -9.47 15.43 5.96
N ARG E 52 -10.61 15.21 6.60
CA ARG E 52 -11.16 16.23 7.49
C ARG E 52 -10.14 16.56 8.54
N ASN E 53 -10.12 17.83 8.89
CA ASN E 53 -9.17 18.32 9.87
C ASN E 53 -9.57 17.83 11.28
N THR E 54 -10.83 18.00 11.66
CA THR E 54 -11.30 17.51 12.96
C THR E 54 -10.79 16.10 13.16
N LEU E 55 -10.87 15.32 12.08
CA LEU E 55 -10.43 13.90 12.08
C LEU E 55 -8.92 13.73 12.12
N ILE E 56 -8.23 14.53 11.30
CA ILE E 56 -6.76 14.64 11.37
C ILE E 56 -6.32 15.02 12.78
N ILE E 57 -7.11 15.88 13.45
CA ILE E 57 -6.90 16.30 14.83
C ILE E 57 -7.04 15.13 15.79
N ARG E 58 -8.10 14.35 15.64
CA ARG E 58 -8.32 13.27 16.56
C ARG E 58 -7.23 12.27 16.38
N ALA E 59 -6.86 12.08 15.11
CA ALA E 59 -5.80 11.14 14.70
C ALA E 59 -4.46 11.40 15.41
N LEU E 60 -3.86 12.55 15.22
CA LEU E 60 -2.65 12.91 15.95
C LEU E 60 -2.85 12.83 17.48
N LYS E 61 -3.96 13.39 17.98
CA LYS E 61 -4.19 13.43 19.43
C LYS E 61 -4.30 12.06 20.02
N GLU E 62 -5.15 11.19 19.48
CA GLU E 62 -5.20 9.81 20.01
C GLU E 62 -4.03 8.95 19.48
N ALA E 63 -3.24 9.49 18.54
CA ALA E 63 -1.92 8.96 18.22
C ALA E 63 -0.86 9.59 19.09
N ALA E 64 -1.23 10.56 19.89
CA ALA E 64 -0.28 11.15 20.80
C ALA E 64 -0.07 10.17 21.92
N GLU E 65 -1.05 10.04 22.81
CA GLU E 65 -0.75 9.37 24.09
C GLU E 65 -0.61 7.86 24.01
N GLU E 66 -0.95 7.27 22.87
CA GLU E 66 -0.61 5.88 22.73
C GLU E 66 0.81 5.77 22.26
N LEU E 67 1.37 6.84 21.71
CA LEU E 67 2.81 6.86 21.39
C LEU E 67 3.69 7.43 22.51
N ASN E 68 3.07 7.93 23.58
CA ASN E 68 3.76 8.59 24.70
C ASN E 68 4.60 9.78 24.22
N ASN E 69 3.97 10.59 23.38
CA ASN E 69 4.61 11.75 22.76
C ASN E 69 3.66 12.95 22.80
N PRO E 70 3.84 13.87 23.77
CA PRO E 70 3.06 15.12 23.78
C PRO E 70 3.39 16.11 22.66
N LYS E 71 4.58 16.03 22.02
CA LYS E 71 4.97 16.97 20.95
C LYS E 71 4.63 16.52 19.53
N LEU E 72 4.05 15.33 19.40
CA LEU E 72 3.19 15.04 18.25
C LEU E 72 1.81 15.64 18.49
N ALA E 73 1.33 15.57 19.73
CA ALA E 73 0.07 16.19 20.11
C ALA E 73 -0.10 17.66 19.67
N GLU E 74 1.02 18.33 19.45
CA GLU E 74 1.01 19.75 19.15
C GLU E 74 1.08 20.07 17.67
N LEU E 75 0.85 19.09 16.81
CA LEU E 75 0.70 19.41 15.41
C LEU E 75 -0.73 19.83 15.22
N ALA E 76 -1.63 19.19 15.93
CA ALA E 76 -3.04 19.63 16.12
C ALA E 76 -3.36 21.15 16.04
N ASN E 77 -2.70 21.95 16.86
CA ASN E 77 -2.84 23.41 16.79
C ASN E 77 -2.68 23.96 15.35
N TYR E 78 -1.68 23.45 14.63
CA TYR E 78 -1.25 24.03 13.34
C TYR E 78 -2.07 23.59 12.14
N VAL E 79 -3.22 22.97 12.43
CA VAL E 79 -4.17 22.44 11.44
C VAL E 79 -5.22 23.50 11.13
N GLU E 80 -5.17 23.98 9.90
CA GLU E 80 -6.15 24.89 9.32
C GLU E 80 -6.36 24.57 7.83
N ARG E 81 -7.36 25.21 7.23
CA ARG E 81 -7.58 25.12 5.80
C ARG E 81 -7.69 23.68 5.29
N GLY E 82 -6.99 23.36 4.19
CA GLY E 82 -7.13 22.07 3.54
C GLY E 82 -5.92 21.26 3.90
N ALA E 83 -6.04 20.50 4.98
CA ALA E 83 -4.89 19.96 5.70
C ALA E 83 -4.80 18.49 5.44
N ALA E 84 -3.70 18.06 4.84
CA ALA E 84 -3.53 16.68 4.45
C ALA E 84 -2.26 16.29 5.11
N ILE E 85 -2.20 15.08 5.66
CA ILE E 85 -1.04 14.65 6.42
C ILE E 85 0.06 14.24 5.47
N LEU E 86 1.29 14.47 5.91
CA LEU E 86 2.45 14.10 5.11
C LEU E 86 3.59 13.54 5.96
N VAL E 87 3.73 12.22 5.94
CA VAL E 87 4.80 11.53 6.65
C VAL E 87 5.85 11.06 5.63
N THR E 88 7.08 10.88 6.09
CA THR E 88 8.16 10.72 5.16
C THR E 88 9.48 10.47 5.86
N ASP E 89 10.42 9.86 5.13
CA ASP E 89 11.79 9.65 5.61
C ASP E 89 12.61 10.92 5.51
N MET E 90 12.46 11.67 4.41
CA MET E 90 13.35 12.81 4.15
C MET E 90 13.27 13.95 5.19
N ASN E 91 14.42 14.54 5.47
CA ASN E 91 14.55 15.46 6.60
C ASN E 91 13.93 16.81 6.27
N PRO E 92 13.10 17.38 7.21
CA PRO E 92 12.23 18.55 7.01
C PRO E 92 12.72 19.62 6.09
N PHE E 93 14.02 19.87 6.09
CA PHE E 93 14.63 20.95 5.31
C PHE E 93 14.69 20.62 3.82
N LYS E 94 14.89 19.36 3.47
CA LYS E 94 14.77 18.99 2.07
C LYS E 94 13.30 18.82 1.67
N LEU E 95 12.44 18.46 2.62
CA LEU E 95 10.99 18.34 2.39
C LEU E 95 10.39 19.65 1.95
N TYR E 96 10.62 20.67 2.78
CA TYR E 96 10.24 22.04 2.44
C TYR E 96 10.77 22.42 1.05
N LYS E 97 12.05 22.11 0.77
CA LYS E 97 12.69 22.42 -0.54
C LYS E 97 12.10 21.62 -1.69
N LEU E 98 11.75 20.36 -1.43
CA LEU E 98 11.11 19.52 -2.44
C LEU E 98 9.70 20.04 -2.71
N LEU E 99 8.92 20.20 -1.64
CA LEU E 99 7.56 20.72 -1.78
C LEU E 99 7.55 22.07 -2.49
N GLU E 100 8.52 22.92 -2.12
CA GLU E 100 8.66 24.25 -2.72
C GLU E 100 9.07 24.18 -4.19
N GLU E 101 10.06 23.37 -4.48
CA GLU E 101 10.48 23.10 -5.85
C GLU E 101 9.26 22.83 -6.72
N ASN E 102 8.29 22.10 -6.16
CA ASN E 102 7.03 21.72 -6.86
C ASN E 102 5.78 22.49 -6.40
N LYS E 103 5.90 23.82 -6.29
CA LYS E 103 4.77 24.74 -6.38
C LYS E 103 4.73 25.19 -7.85
N SER E 104 3.57 25.06 -8.50
CA SER E 104 3.40 25.54 -9.87
C SER E 104 2.96 27.00 -9.91
N PRO E 105 3.09 27.64 -11.09
CA PRO E 105 2.51 28.97 -11.25
C PRO E 105 1.02 28.84 -11.61
N ALA E 106 0.22 29.76 -11.12
CA ALA E 106 -1.21 29.71 -11.38
C ALA E 106 -1.75 31.12 -11.49
N PRO E 107 -2.95 31.24 -12.08
CA PRO E 107 -3.55 32.58 -12.11
C PRO E 107 -3.83 33.09 -10.70
N VAL E 108 -4.24 34.34 -10.60
CA VAL E 108 -4.47 34.95 -9.30
C VAL E 108 -5.95 35.06 -9.05
N ARG E 109 -6.29 35.17 -7.78
CA ARG E 109 -7.67 35.18 -7.39
C ARG E 109 -8.14 36.58 -7.00
N GLY E 110 -9.44 36.81 -7.14
CA GLY E 110 -10.08 38.06 -6.77
C GLY E 110 -10.38 38.13 -5.28
N GLY E 111 -10.05 39.26 -4.66
CA GLY E 111 -10.20 39.46 -3.21
C GLY E 111 -9.10 38.82 -2.37
N GLN E 112 -7.98 38.51 -3.00
CA GLN E 112 -6.87 37.86 -2.32
C GLN E 112 -5.73 38.85 -2.07
N ILE E 113 -5.07 38.77 -0.92
CA ILE E 113 -3.85 39.56 -0.67
C ILE E 113 -2.76 39.07 -1.65
N ALA E 114 -2.15 40.00 -2.38
CA ALA E 114 -1.07 39.66 -3.31
C ALA E 114 0.20 39.37 -2.54
N PRO E 115 0.70 38.11 -2.58
CA PRO E 115 1.89 37.77 -1.80
C PRO E 115 3.20 38.30 -2.40
N CYS E 116 3.13 38.84 -3.62
CA CYS E 116 4.27 39.48 -4.26
C CYS E 116 3.77 40.74 -4.95
N ASP E 117 4.68 41.41 -5.66
CA ASP E 117 4.30 42.48 -6.60
C ASP E 117 3.88 41.87 -7.94
N ILE E 118 2.65 42.14 -8.35
CA ILE E 118 2.09 41.57 -9.59
C ILE E 118 2.23 42.60 -10.70
N LYS E 119 2.78 42.15 -11.83
CA LYS E 119 3.15 43.04 -12.91
C LYS E 119 2.27 42.76 -14.12
N VAL E 120 2.50 43.50 -15.21
CA VAL E 120 2.00 43.17 -16.56
C VAL E 120 3.00 43.61 -17.61
N GLU E 121 3.29 42.73 -18.57
CA GLU E 121 4.35 42.98 -19.55
C GLU E 121 3.83 43.71 -20.78
N LYS E 122 4.63 44.64 -21.30
CA LYS E 122 4.30 45.36 -22.53
C LYS E 122 4.07 44.37 -23.66
N GLY E 123 3.33 44.77 -24.68
CA GLY E 123 3.26 44.03 -25.93
C GLY E 123 1.87 43.77 -26.43
N SER E 124 1.76 42.91 -27.44
CA SER E 124 0.51 42.68 -28.15
C SER E 124 -0.26 41.44 -27.64
N THR E 125 -1.36 41.69 -26.93
CA THR E 125 -2.15 40.65 -26.27
C THR E 125 -2.66 39.60 -27.22
N GLY E 126 -2.81 40.00 -28.48
CA GLY E 126 -3.19 39.09 -29.54
C GLY E 126 -4.67 39.15 -29.88
N MET E 127 -5.46 39.72 -28.97
CA MET E 127 -6.91 39.70 -29.11
C MET E 127 -7.40 40.84 -30.03
N PRO E 128 -8.57 40.66 -30.67
CA PRO E 128 -9.13 41.72 -31.49
C PRO E 128 -9.71 42.85 -30.63
N PRO E 129 -9.95 44.02 -31.22
CA PRO E 129 -10.59 45.06 -30.43
C PRO E 129 -11.88 44.59 -29.72
N GLY E 130 -12.13 45.14 -28.55
CA GLY E 130 -13.32 44.82 -27.77
C GLY E 130 -13.34 45.59 -26.46
N PRO E 131 -14.44 45.47 -25.69
CA PRO E 131 -14.61 46.17 -24.40
C PRO E 131 -13.46 45.89 -23.43
N PHE E 132 -12.81 44.74 -23.62
CA PHE E 132 -11.56 44.34 -22.94
C PHE E 132 -10.47 45.43 -22.92
N LEU E 133 -10.51 46.33 -23.90
CA LEU E 133 -9.69 47.55 -23.94
C LEU E 133 -10.02 48.47 -22.77
N GLY E 134 -11.32 48.67 -22.54
CA GLY E 134 -11.83 49.52 -21.44
C GLY E 134 -11.93 48.83 -20.09
N GLU E 135 -11.68 47.53 -20.09
CA GLU E 135 -11.47 46.75 -18.87
C GLU E 135 -10.04 46.95 -18.36
N LEU E 136 -9.09 46.76 -19.28
CA LEU E 136 -7.65 46.99 -19.03
C LEU E 136 -7.36 48.36 -18.43
N LYS E 137 -7.75 49.41 -19.14
CA LYS E 137 -7.55 50.75 -18.64
C LYS E 137 -8.16 50.90 -17.24
N SER E 138 -9.45 50.54 -17.08
CA SER E 138 -10.18 50.68 -15.80
C SER E 138 -9.46 50.08 -14.58
N VAL E 139 -8.61 49.08 -14.83
CA VAL E 139 -7.75 48.50 -13.78
C VAL E 139 -6.31 49.03 -13.90
N GLY E 140 -6.17 50.29 -14.31
CA GLY E 140 -4.88 50.98 -14.32
C GLY E 140 -3.86 50.43 -15.28
N ILE E 141 -4.31 49.68 -16.29
CA ILE E 141 -3.41 49.11 -17.29
C ILE E 141 -3.50 49.95 -18.55
N PRO E 142 -2.53 50.86 -18.75
CA PRO E 142 -2.48 51.52 -20.04
C PRO E 142 -2.52 50.49 -21.19
N ALA E 143 -3.41 50.72 -22.15
CA ALA E 143 -3.57 49.82 -23.29
C ALA E 143 -4.27 50.51 -24.47
N ALA E 144 -3.91 50.11 -25.69
CA ALA E 144 -4.43 50.71 -26.92
C ALA E 144 -4.32 49.71 -28.05
N ILE E 145 -4.96 50.02 -29.17
CA ILE E 145 -5.03 49.13 -30.33
C ILE E 145 -3.85 49.33 -31.28
N GLU E 146 -2.92 48.41 -31.33
CA GLU E 146 -1.90 48.50 -32.37
C GLU E 146 -1.84 47.24 -33.22
N LYS E 147 -1.59 47.43 -34.52
CA LYS E 147 -1.52 46.36 -35.52
C LYS E 147 -2.81 45.52 -35.58
N GLY E 148 -3.93 46.16 -35.29
CA GLY E 148 -5.24 45.49 -35.25
C GLY E 148 -5.59 44.82 -33.93
N LYS E 149 -4.68 44.85 -32.96
CA LYS E 149 -4.81 44.05 -31.76
C LYS E 149 -4.63 44.86 -30.50
N ILE E 150 -5.39 44.50 -29.46
CA ILE E 150 -5.23 45.13 -28.15
C ILE E 150 -3.78 44.85 -27.76
N ALA E 151 -3.16 45.82 -27.08
CA ALA E 151 -1.76 45.72 -26.69
C ALA E 151 -1.48 46.55 -25.45
N ILE E 152 -0.75 45.98 -24.52
CA ILE E 152 -0.35 46.70 -23.31
C ILE E 152 0.79 47.65 -23.69
N LYS E 153 0.72 48.86 -23.16
CA LYS E 153 1.64 49.92 -23.56
C LYS E 153 2.98 49.88 -22.83
N GLU E 154 3.01 49.40 -21.59
CA GLU E 154 4.28 49.13 -20.91
C GLU E 154 4.19 48.18 -19.72
N ASP E 155 5.35 47.70 -19.30
CA ASP E 155 5.47 46.86 -18.11
C ASP E 155 4.97 47.69 -16.92
N LYS E 156 4.11 47.12 -16.08
CA LYS E 156 3.59 47.86 -14.94
C LYS E 156 3.20 47.00 -13.73
N VAL E 157 3.60 47.44 -12.54
CA VAL E 157 3.11 46.85 -11.29
C VAL E 157 1.66 47.30 -11.09
N VAL E 158 0.73 46.39 -11.33
CA VAL E 158 -0.71 46.67 -11.23
C VAL E 158 -1.25 46.42 -9.81
N VAL E 159 -0.41 45.84 -8.96
CA VAL E 159 -0.73 45.66 -7.55
C VAL E 159 0.54 45.22 -6.79
N LYS E 160 0.65 45.66 -5.54
CA LYS E 160 1.86 45.46 -4.72
C LYS E 160 1.69 44.38 -3.65
N LYS E 161 2.82 43.98 -3.06
CA LYS E 161 2.85 42.99 -1.98
C LYS E 161 2.10 43.48 -0.74
N GLY E 162 1.35 42.58 -0.12
CA GLY E 162 0.70 42.85 1.17
C GLY E 162 -0.17 44.08 1.19
N GLU E 163 -1.41 44.00 -1.33
CA GLU E 163 -2.69 44.64 -1.63
C GLU E 163 -3.67 43.60 -2.17
N VAL E 164 -4.97 43.86 -1.96
CA VAL E 164 -6.02 42.97 -2.46
C VAL E 164 -6.17 43.11 -3.98
N VAL E 165 -6.38 41.97 -4.66
CA VAL E 165 -6.62 41.95 -6.11
C VAL E 165 -8.15 41.94 -6.33
N SER E 166 -8.66 42.91 -7.08
CA SER E 166 -10.08 42.95 -7.41
C SER E 166 -10.44 41.78 -8.36
N PRO E 167 -11.67 41.26 -8.26
CA PRO E 167 -12.14 40.18 -9.11
C PRO E 167 -12.02 40.45 -10.60
N LYS E 168 -12.22 41.69 -11.00
CA LYS E 168 -12.12 42.05 -12.42
C LYS E 168 -10.67 41.99 -12.93
N LEU E 169 -9.77 42.68 -12.21
CA LEU E 169 -8.34 42.62 -12.50
C LEU E 169 -7.91 41.18 -12.68
N ALA E 170 -8.27 40.32 -11.73
CA ALA E 170 -7.93 38.91 -11.80
C ALA E 170 -8.44 38.26 -13.09
N ALA E 171 -9.70 38.51 -13.40
CA ALA E 171 -10.34 37.93 -14.59
C ALA E 171 -9.67 38.39 -15.89
N VAL E 172 -9.10 39.59 -15.86
CA VAL E 172 -8.31 40.13 -16.99
C VAL E 172 -6.99 39.36 -17.07
N LEU E 173 -6.23 39.44 -15.98
CA LEU E 173 -4.95 38.76 -15.85
C LEU E 173 -5.01 37.30 -16.30
N ASP E 174 -5.99 36.57 -15.77
CA ASP E 174 -6.23 35.18 -16.17
C ASP E 174 -6.40 35.01 -17.71
N ARG E 175 -7.14 35.92 -18.35
CA ARG E 175 -7.43 35.81 -19.79
C ARG E 175 -6.22 36.12 -20.70
N LEU E 176 -5.33 36.96 -20.20
CA LEU E 176 -4.06 37.25 -20.87
C LEU E 176 -3.14 36.03 -20.82
N GLY E 177 -3.30 35.22 -19.77
CA GLY E 177 -2.50 34.03 -19.51
C GLY E 177 -1.51 34.23 -18.37
N ILE E 178 -1.82 35.13 -17.45
CA ILE E 178 -0.87 35.53 -16.42
C ILE E 178 -1.02 34.71 -15.14
N LYS E 179 0.13 34.25 -14.62
CA LYS E 179 0.24 33.26 -13.55
C LYS E 179 1.31 33.71 -12.55
N PRO E 180 1.01 34.74 -11.75
CA PRO E 180 2.02 35.40 -10.90
C PRO E 180 2.18 34.85 -9.48
N ILE E 181 1.41 33.80 -9.18
CA ILE E 181 1.31 33.22 -7.84
C ILE E 181 1.81 31.76 -7.86
N LYS E 182 2.64 31.40 -6.88
CA LYS E 182 3.12 30.03 -6.73
C LYS E 182 2.08 29.24 -5.91
N VAL E 183 1.70 28.05 -6.39
CA VAL E 183 0.75 27.20 -5.65
C VAL E 183 1.19 25.76 -5.63
N GLY E 184 0.80 25.09 -4.56
CA GLY E 184 1.17 23.70 -4.40
C GLY E 184 0.98 23.28 -2.97
N LEU E 185 1.79 22.31 -2.54
CA LEU E 185 1.72 21.82 -1.18
C LEU E 185 2.46 22.78 -0.25
N ASN E 186 1.66 23.47 0.57
CA ASN E 186 2.18 24.48 1.47
C ASN E 186 2.20 23.97 2.93
N ILE E 187 3.41 23.84 3.48
CA ILE E 187 3.64 23.22 4.79
C ILE E 187 3.20 24.09 5.95
N LEU E 188 2.25 23.60 6.73
CA LEU E 188 1.80 24.35 7.92
C LEU E 188 2.67 24.00 9.15
N ALA E 189 3.28 22.83 9.16
CA ALA E 189 4.11 22.39 10.27
C ALA E 189 4.85 21.10 9.90
N VAL E 190 5.93 20.79 10.60
CA VAL E 190 6.60 19.49 10.45
C VAL E 190 7.08 19.09 11.84
N TYR E 191 7.16 17.78 12.05
CA TYR E 191 7.66 17.18 13.29
C TYR E 191 8.77 16.16 13.00
N GLU E 192 9.86 16.19 13.76
CA GLU E 192 10.89 15.18 13.60
C GLU E 192 11.29 14.52 14.92
N ASP E 193 11.98 15.26 15.80
CA ASP E 193 12.54 14.64 17.00
C ASP E 193 12.27 15.62 18.12
N GLY E 194 11.14 15.44 18.82
CA GLY E 194 10.66 16.34 19.89
C GLY E 194 10.49 17.79 19.47
N ILE E 195 10.46 18.04 18.17
CA ILE E 195 10.59 19.36 17.60
C ILE E 195 9.45 19.58 16.61
N ILE E 196 8.77 20.72 16.75
CA ILE E 196 7.80 21.20 15.77
C ILE E 196 8.55 22.33 15.02
N TYR E 197 8.72 22.17 13.72
CA TYR E 197 9.39 23.19 12.90
C TYR E 197 8.44 24.19 12.20
N THR E 198 8.14 25.30 12.87
CA THR E 198 7.18 26.29 12.35
C THR E 198 7.68 26.88 11.01
N PRO E 199 6.75 27.28 10.10
CA PRO E 199 7.15 27.78 8.78
C PRO E 199 7.89 29.14 8.70
N ASP E 200 8.33 29.69 9.83
CA ASP E 200 9.25 30.83 9.84
C ASP E 200 10.65 30.26 9.76
N VAL E 201 10.85 29.23 10.58
CA VAL E 201 12.12 28.55 10.71
C VAL E 201 12.49 27.84 9.39
N LEU E 202 11.48 27.35 8.66
CA LEU E 202 11.67 26.45 7.51
C LEU E 202 12.95 26.70 6.72
N LYS E 203 13.07 27.88 6.13
CA LYS E 203 14.34 28.30 5.54
C LYS E 203 14.70 29.65 6.12
N VAL E 204 15.78 29.68 6.90
CA VAL E 204 16.41 30.91 7.34
C VAL E 204 17.94 30.67 7.29
N ASP E 205 18.54 30.97 6.13
CA ASP E 205 19.99 30.84 5.93
C ASP E 205 20.73 32.06 6.54
N ALA F 2 1.44 38.77 -24.49
CA ALA F 2 0.75 37.57 -23.93
C ALA F 2 1.30 36.30 -24.58
N LYS F 3 0.78 35.16 -24.15
CA LYS F 3 1.03 33.88 -24.82
C LYS F 3 -0.30 33.18 -25.08
N GLU F 4 -0.40 32.46 -26.20
CA GLU F 4 -1.66 31.83 -26.61
C GLU F 4 -1.52 30.37 -27.10
N VAL F 5 -1.57 29.45 -26.12
CA VAL F 5 -1.55 28.00 -26.39
C VAL F 5 -2.83 27.69 -27.20
N VAL F 6 -2.71 26.89 -28.26
CA VAL F 6 -3.87 26.49 -29.07
C VAL F 6 -3.89 24.99 -29.39
N GLU F 7 -4.75 24.26 -28.69
CA GLU F 7 -4.87 22.81 -28.88
C GLU F 7 -5.98 22.51 -29.90
N VAL F 8 -5.68 21.65 -30.88
CA VAL F 8 -6.58 21.35 -32.01
C VAL F 8 -6.39 19.95 -32.60
N LEU F 9 -7.43 19.43 -33.26
CA LEU F 9 -7.41 18.05 -33.82
C LEU F 9 -7.31 17.99 -35.35
N VAL F 10 -6.08 17.93 -35.85
CA VAL F 10 -5.81 17.90 -37.29
C VAL F 10 -5.82 16.45 -37.78
N THR F 11 -5.66 16.28 -39.09
CA THR F 11 -5.33 14.98 -39.69
C THR F 11 -3.81 14.93 -39.91
N GLY F 12 -3.17 13.90 -39.37
CA GLY F 12 -1.72 13.81 -39.38
C GLY F 12 -1.15 13.96 -40.77
N GLY F 13 -0.19 14.87 -40.92
CA GLY F 13 0.52 15.04 -42.19
C GLY F 13 -0.25 15.82 -43.24
N ARG F 14 -1.58 15.90 -43.09
CA ARG F 14 -2.44 16.55 -44.07
C ARG F 14 -2.95 17.92 -43.59
N ALA F 15 -2.20 18.55 -42.66
CA ALA F 15 -2.62 19.82 -42.08
C ALA F 15 -2.57 20.94 -43.10
N THR F 16 -3.59 21.79 -43.06
CA THR F 16 -3.80 22.87 -44.03
C THR F 16 -3.88 24.19 -43.29
N ALA F 17 -3.95 25.31 -44.03
CA ALA F 17 -4.12 26.64 -43.43
C ALA F 17 -5.60 27.07 -43.31
N GLY F 18 -6.53 26.10 -43.26
CA GLY F 18 -7.98 26.35 -43.05
C GLY F 18 -8.91 25.13 -43.21
N PRO F 19 -9.92 24.94 -42.33
CA PRO F 19 -10.14 25.75 -41.12
C PRO F 19 -9.21 25.38 -39.95
N PRO F 20 -9.54 24.35 -39.15
CA PRO F 20 -9.04 24.20 -37.78
C PRO F 20 -7.89 25.14 -37.40
N LEU F 21 -6.78 25.09 -38.15
CA LEU F 21 -5.59 25.90 -37.84
C LEU F 21 -5.83 27.42 -38.01
N GLY F 22 -6.39 27.82 -39.15
CA GLY F 22 -6.59 29.25 -39.49
C GLY F 22 -7.42 30.13 -38.56
N PRO F 23 -8.58 29.65 -38.07
CA PRO F 23 -9.42 30.38 -37.11
C PRO F 23 -8.79 30.59 -35.74
N ALA F 24 -7.82 29.73 -35.38
CA ALA F 24 -7.12 29.86 -34.10
C ALA F 24 -5.78 30.62 -34.20
N ILE F 25 -4.99 30.35 -35.24
CA ILE F 25 -3.59 30.83 -35.36
C ILE F 25 -3.40 32.09 -36.24
N GLY F 26 -4.20 32.24 -37.30
CA GLY F 26 -4.21 33.45 -38.13
C GLY F 26 -4.39 34.75 -37.36
N PRO F 27 -5.27 34.75 -36.33
CA PRO F 27 -5.38 35.80 -35.31
C PRO F 27 -4.06 36.26 -34.65
N LEU F 28 -3.16 35.33 -34.34
CA LEU F 28 -1.98 35.62 -33.52
C LEU F 28 -0.78 36.23 -34.30
N GLY F 29 -0.93 36.45 -35.61
CA GLY F 29 0.05 37.21 -36.43
C GLY F 29 1.29 36.45 -36.89
N VAL F 30 1.43 35.20 -36.45
CA VAL F 30 2.52 34.32 -36.89
C VAL F 30 2.15 33.64 -38.20
N ASN F 31 3.13 33.39 -39.06
CA ASN F 31 2.88 32.66 -40.31
C ASN F 31 2.06 31.39 -40.03
N VAL F 32 0.94 31.23 -40.73
CA VAL F 32 0.09 30.04 -40.59
C VAL F 32 0.71 28.84 -41.31
N MET F 33 1.44 29.09 -42.40
CA MET F 33 2.04 28.03 -43.21
C MET F 33 3.28 27.39 -42.58
N GLN F 34 4.11 28.21 -41.92
CA GLN F 34 5.23 27.70 -41.14
C GLN F 34 4.73 26.70 -40.09
N VAL F 35 3.58 27.02 -39.48
CA VAL F 35 2.92 26.15 -38.49
C VAL F 35 2.33 24.88 -39.16
N VAL F 36 1.67 25.05 -40.31
CA VAL F 36 1.11 23.93 -41.09
C VAL F 36 2.18 23.02 -41.67
N LYS F 37 3.31 23.62 -42.04
CA LYS F 37 4.49 22.88 -42.52
C LYS F 37 5.16 22.09 -41.39
N GLU F 38 5.46 22.78 -40.29
CA GLU F 38 6.10 22.16 -39.13
C GLU F 38 5.24 21.04 -38.52
N ILE F 39 3.92 21.20 -38.59
CA ILE F 39 2.99 20.16 -38.12
C ILE F 39 2.98 18.94 -39.06
N ASN F 40 2.97 19.17 -40.37
CA ASN F 40 2.95 18.08 -41.32
C ASN F 40 4.26 17.28 -41.37
N GLU F 41 5.37 17.85 -40.88
CA GLU F 41 6.63 17.11 -40.71
C GLU F 41 6.59 16.18 -39.49
N LYS F 42 6.07 16.70 -38.38
CA LYS F 42 5.99 15.97 -37.11
C LYS F 42 4.76 15.07 -37.00
N THR F 43 3.78 15.28 -37.87
CA THR F 43 2.59 14.43 -37.90
C THR F 43 2.56 13.62 -39.20
N LYS F 44 3.65 12.88 -39.42
CA LYS F 44 3.83 12.07 -40.63
C LYS F 44 3.68 10.59 -40.35
N ASP F 45 4.40 10.14 -39.33
CA ASP F 45 4.25 8.78 -38.81
C ASP F 45 2.76 8.48 -38.50
N TYR F 46 1.95 9.54 -38.45
CA TYR F 46 0.50 9.44 -38.22
C TYR F 46 -0.37 9.88 -39.41
N GLU F 47 0.19 9.87 -40.62
CA GLU F 47 -0.53 10.34 -41.81
C GLU F 47 -1.99 9.80 -41.87
N GLY F 48 -2.98 10.69 -41.86
CA GLY F 48 -4.33 10.28 -42.17
C GLY F 48 -5.11 9.71 -41.00
N MET F 49 -4.52 9.71 -39.80
CA MET F 49 -5.25 9.42 -38.54
C MET F 49 -5.66 10.74 -37.90
N GLN F 50 -6.36 10.70 -36.75
CA GLN F 50 -6.60 11.92 -35.96
C GLN F 50 -5.45 12.16 -34.98
N VAL F 51 -5.09 13.43 -34.78
CA VAL F 51 -3.94 13.79 -33.95
C VAL F 51 -4.22 15.11 -33.23
N PRO F 52 -3.83 15.22 -31.94
CA PRO F 52 -3.82 16.52 -31.27
C PRO F 52 -2.54 17.31 -31.56
N VAL F 53 -2.63 18.65 -31.61
CA VAL F 53 -1.45 19.50 -31.87
C VAL F 53 -1.43 20.86 -31.10
N LYS F 54 -0.55 20.95 -30.10
CA LYS F 54 -0.46 22.13 -29.24
C LYS F 54 0.45 23.19 -29.86
N VAL F 55 -0.08 24.40 -30.05
CA VAL F 55 0.68 25.52 -30.65
C VAL F 55 0.84 26.69 -29.66
N ILE F 56 2.03 26.77 -29.05
CA ILE F 56 2.33 27.78 -28.03
C ILE F 56 2.90 29.03 -28.71
N VAL F 57 2.10 30.10 -28.77
CA VAL F 57 2.49 31.33 -29.47
C VAL F 57 2.65 32.53 -28.53
N ASP F 58 3.85 33.09 -28.49
CA ASP F 58 4.02 34.43 -27.99
C ASP F 58 3.53 35.34 -29.11
N THR F 59 2.61 36.24 -28.79
CA THR F 59 1.98 37.10 -29.79
C THR F 59 2.82 38.34 -30.14
N GLU F 60 3.59 38.84 -29.17
CA GLU F 60 4.48 39.99 -29.39
C GLU F 60 5.58 39.67 -30.39
N THR F 61 6.48 38.75 -30.03
CA THR F 61 7.61 38.39 -30.88
C THR F 61 7.20 37.53 -32.10
N ARG F 62 6.01 36.91 -32.05
CA ARG F 62 5.44 36.07 -33.13
C ARG F 62 6.02 34.65 -33.22
N LYS F 63 6.87 34.27 -32.26
CA LYS F 63 7.55 32.97 -32.28
C LYS F 63 6.69 31.88 -31.69
N PHE F 64 6.84 30.66 -32.22
CA PHE F 64 5.97 29.52 -31.90
C PHE F 64 6.76 28.22 -31.70
N GLU F 65 6.05 27.19 -31.24
CA GLU F 65 6.60 25.84 -31.09
C GLU F 65 5.45 24.81 -31.10
N ILE F 66 5.62 23.70 -31.82
CA ILE F 66 4.55 22.72 -32.03
C ILE F 66 4.76 21.41 -31.24
N GLU F 67 4.13 21.31 -30.07
CA GLU F 67 4.17 20.05 -29.29
C GLU F 67 3.16 19.06 -29.87
N VAL F 68 3.61 18.23 -30.82
CA VAL F 68 2.75 17.20 -31.40
C VAL F 68 2.50 16.12 -30.36
N GLY F 69 1.22 15.87 -30.09
CA GLY F 69 0.81 14.81 -29.17
C GLY F 69 0.55 13.51 -29.91
N ILE F 70 0.90 12.40 -29.29
CA ILE F 70 0.46 11.10 -29.77
C ILE F 70 -1.07 11.17 -30.00
N PRO F 71 -1.60 10.41 -30.96
CA PRO F 71 -3.04 10.43 -31.25
C PRO F 71 -3.95 9.96 -30.11
N PRO F 72 -5.24 10.29 -30.17
CA PRO F 72 -6.17 9.75 -29.21
C PRO F 72 -6.24 8.24 -29.24
N THR F 73 -6.27 7.62 -28.07
CA THR F 73 -6.35 6.18 -27.97
C THR F 73 -7.48 5.62 -28.81
N THR F 74 -8.47 6.45 -29.12
CA THR F 74 -9.56 6.04 -30.01
C THR F 74 -9.04 5.74 -31.44
N ALA F 75 -8.20 6.63 -31.96
CA ALA F 75 -7.52 6.51 -33.26
C ALA F 75 -6.49 5.35 -33.38
N LEU F 76 -5.77 5.08 -32.27
CA LEU F 76 -4.80 3.96 -32.23
C LEU F 76 -5.55 2.66 -32.29
N ILE F 77 -6.34 2.37 -31.28
CA ILE F 77 -7.08 1.12 -31.20
C ILE F 77 -7.61 0.80 -32.58
N LYS F 78 -8.36 1.75 -33.14
CA LYS F 78 -8.82 1.71 -34.53
C LYS F 78 -7.74 1.38 -35.56
N LYS F 79 -6.59 2.04 -35.51
CA LYS F 79 -5.57 1.79 -36.51
C LYS F 79 -5.01 0.39 -36.47
N GLU F 80 -4.74 -0.12 -35.27
CA GLU F 80 -4.24 -1.48 -35.14
C GLU F 80 -5.28 -2.50 -35.61
N LEU F 81 -6.55 -2.15 -35.56
CA LEU F 81 -7.59 -3.03 -36.13
C LEU F 81 -7.78 -2.86 -37.61
N GLY F 82 -7.38 -1.71 -38.15
CA GLY F 82 -7.63 -1.40 -39.54
C GLY F 82 -9.12 -1.18 -39.77
N ILE F 83 -9.69 -0.36 -38.89
CA ILE F 83 -11.12 0.03 -38.93
C ILE F 83 -11.18 1.54 -39.11
N GLU F 84 -12.18 2.01 -39.84
CA GLU F 84 -12.43 3.43 -40.01
C GLU F 84 -13.52 3.89 -39.03
N THR F 85 -14.46 2.98 -38.78
CA THR F 85 -15.60 3.23 -37.93
C THR F 85 -15.79 2.10 -36.90
N ALA F 86 -15.60 2.42 -35.62
CA ALA F 86 -15.81 1.46 -34.55
C ALA F 86 -17.31 1.24 -34.33
N ALA F 87 -17.67 0.41 -33.36
CA ALA F 87 -19.02 -0.16 -33.27
C ALA F 87 -20.08 0.94 -33.27
N HIS F 88 -21.19 0.74 -33.98
CA HIS F 88 -22.29 1.73 -33.93
C HIS F 88 -23.03 1.60 -32.64
N GLU F 89 -23.11 0.37 -32.13
CA GLU F 89 -23.79 0.06 -30.88
C GLU F 89 -22.85 -0.75 -29.96
N PRO F 90 -21.85 -0.09 -29.36
CA PRO F 90 -20.87 -0.68 -28.45
C PRO F 90 -21.43 -1.66 -27.48
N ARG F 91 -20.74 -2.80 -27.31
CA ARG F 91 -21.14 -3.94 -26.43
C ARG F 91 -22.29 -4.81 -26.94
N HIS F 92 -22.86 -4.46 -28.09
CA HIS F 92 -23.78 -5.30 -28.82
C HIS F 92 -23.28 -5.59 -30.23
N GLU F 93 -22.04 -5.24 -30.51
CA GLU F 93 -21.43 -5.42 -31.83
C GLU F 93 -19.99 -5.69 -31.46
N VAL F 94 -19.27 -6.31 -32.37
CA VAL F 94 -17.82 -6.40 -32.25
C VAL F 94 -17.19 -5.89 -33.52
N VAL F 95 -16.16 -5.12 -33.36
CA VAL F 95 -15.64 -4.45 -34.50
C VAL F 95 -14.23 -4.97 -34.87
N GLY F 96 -13.61 -5.63 -33.89
CA GLY F 96 -12.36 -6.28 -34.06
C GLY F 96 -11.82 -6.58 -32.66
N ASN F 97 -10.86 -7.49 -32.61
CA ASN F 97 -10.28 -7.94 -31.36
C ASN F 97 -8.75 -7.66 -31.25
N LEU F 98 -8.39 -6.90 -30.24
CA LEU F 98 -6.99 -6.69 -29.93
C LEU F 98 -6.48 -7.80 -28.99
N THR F 99 -5.23 -8.22 -29.22
CA THR F 99 -4.53 -9.07 -28.31
C THR F 99 -4.04 -8.17 -27.22
N LEU F 100 -3.43 -8.75 -26.19
CA LEU F 100 -3.00 -7.99 -25.06
C LEU F 100 -1.73 -7.26 -25.44
N GLU F 101 -0.92 -7.86 -26.30
CA GLU F 101 0.40 -7.29 -26.58
C GLU F 101 0.21 -5.93 -27.29
N GLN F 102 -0.71 -5.94 -28.27
CA GLN F 102 -1.22 -4.72 -28.94
C GLN F 102 -1.61 -3.70 -27.89
N VAL F 103 -2.51 -4.08 -26.98
CA VAL F 103 -3.00 -3.15 -25.94
C VAL F 103 -1.86 -2.52 -25.14
N ILE F 104 -0.80 -3.29 -24.91
CA ILE F 104 0.39 -2.80 -24.24
C ILE F 104 1.19 -1.87 -25.15
N LYS F 105 1.25 -2.17 -26.45
CA LYS F 105 1.83 -1.22 -27.40
C LYS F 105 1.18 0.16 -27.29
N ILE F 106 -0.14 0.17 -27.01
CA ILE F 106 -0.93 1.41 -26.94
C ILE F 106 -0.84 2.07 -25.57
N ALA F 107 -0.80 1.26 -24.52
CA ALA F 107 -0.59 1.80 -23.19
C ALA F 107 0.67 2.64 -23.05
N LYS F 108 1.72 2.31 -23.81
CA LYS F 108 3.04 2.93 -23.66
C LYS F 108 3.22 4.16 -24.54
N MET F 109 2.49 4.16 -25.61
CA MET F 109 2.55 5.27 -26.49
C MET F 109 1.85 6.38 -25.78
N LYS F 110 0.78 6.04 -25.10
CA LYS F 110 -0.17 6.93 -24.59
C LYS F 110 -0.05 6.97 -23.10
N LYS F 111 1.02 6.50 -22.50
CA LYS F 111 1.13 6.46 -21.04
C LYS F 111 1.54 7.75 -20.35
N ASP F 112 2.20 8.64 -21.06
CA ASP F 112 2.76 9.82 -20.42
C ASP F 112 1.80 11.00 -20.20
N ALA F 113 0.71 11.01 -20.96
CA ALA F 113 -0.46 11.91 -20.78
C ALA F 113 -1.54 11.33 -19.89
N MET F 114 -1.43 10.04 -19.53
CA MET F 114 -2.26 9.46 -18.45
C MET F 114 -1.74 9.87 -17.07
N LEU F 115 -2.57 9.59 -16.07
CA LEU F 115 -2.21 9.77 -14.65
C LEU F 115 -1.51 8.58 -14.08
N SER F 116 -1.96 7.39 -14.49
CA SER F 116 -1.42 6.09 -14.08
C SER F 116 0.10 6.02 -14.15
N TYR F 117 0.73 5.39 -13.14
CA TYR F 117 2.21 5.33 -13.05
C TYR F 117 2.83 3.95 -13.30
N THR F 118 1.99 2.99 -13.71
CA THR F 118 2.40 1.60 -14.00
C THR F 118 1.71 1.02 -15.23
N LEU F 119 2.45 0.25 -16.03
CA LEU F 119 1.91 -0.29 -17.30
C LEU F 119 0.54 -0.95 -17.18
N LYS F 120 0.29 -1.63 -16.06
CA LYS F 120 -0.97 -2.39 -15.88
C LYS F 120 -2.12 -1.42 -15.81
N ASN F 121 -1.98 -0.42 -14.96
CA ASN F 121 -3.02 0.57 -14.83
C ASN F 121 -3.27 1.27 -16.19
N ALA F 122 -2.22 1.72 -16.87
CA ALA F 122 -2.38 2.39 -18.16
C ALA F 122 -3.18 1.61 -19.20
N VAL F 123 -3.04 0.28 -19.20
CA VAL F 123 -3.80 -0.54 -20.13
C VAL F 123 -5.18 -0.73 -19.51
N LYS F 124 -5.25 -0.70 -18.18
CA LYS F 124 -6.55 -0.73 -17.51
C LYS F 124 -7.41 0.33 -18.11
N GLU F 125 -6.89 1.56 -18.22
CA GLU F 125 -7.57 2.69 -18.92
C GLU F 125 -7.88 2.37 -20.39
N VAL F 126 -6.87 1.85 -21.11
CA VAL F 126 -7.04 1.50 -22.53
C VAL F 126 -8.19 0.52 -22.71
N LEU F 127 -8.30 -0.37 -21.75
CA LEU F 127 -9.32 -1.36 -21.78
C LEU F 127 -10.72 -0.76 -21.59
N GLY F 128 -10.85 0.20 -20.71
CA GLY F 128 -12.14 0.86 -20.54
C GLY F 128 -12.54 1.60 -21.80
N THR F 129 -11.55 2.27 -22.42
CA THR F 129 -11.67 2.85 -23.79
C THR F 129 -12.14 1.75 -24.78
N CYS F 130 -11.34 0.70 -25.00
CA CYS F 130 -11.77 -0.44 -25.84
C CYS F 130 -13.24 -0.87 -25.64
N GLY F 131 -13.69 -0.85 -24.40
CA GLY F 131 -15.06 -1.24 -24.07
C GLY F 131 -16.08 -0.20 -24.46
N SER F 132 -15.58 0.98 -24.84
CA SER F 132 -16.43 2.07 -25.32
C SER F 132 -16.70 1.93 -26.80
N MET F 133 -15.86 1.15 -27.47
CA MET F 133 -15.94 0.96 -28.90
C MET F 133 -16.55 -0.35 -29.34
N GLY F 134 -16.82 -1.22 -28.36
CA GLY F 134 -17.10 -2.62 -28.65
C GLY F 134 -15.93 -3.34 -29.31
N VAL F 135 -14.69 -2.96 -28.95
CA VAL F 135 -13.54 -3.80 -29.24
C VAL F 135 -13.36 -4.72 -28.06
N THR F 136 -13.01 -5.97 -28.38
CA THR F 136 -12.77 -7.01 -27.37
C THR F 136 -11.29 -7.08 -27.09
N VAL F 137 -10.92 -7.73 -25.99
CA VAL F 137 -9.51 -7.92 -25.67
C VAL F 137 -9.30 -9.35 -25.22
N GLU F 138 -8.23 -9.96 -25.77
CA GLU F 138 -8.12 -11.42 -25.93
C GLU F 138 -9.47 -11.92 -26.40
N GLY F 139 -9.97 -13.04 -25.89
CA GLY F 139 -11.32 -13.46 -26.30
C GLY F 139 -12.42 -12.48 -25.90
N LYS F 140 -12.18 -11.72 -24.85
CA LYS F 140 -13.24 -11.37 -23.95
C LYS F 140 -13.56 -9.90 -23.85
N ASP F 141 -14.65 -9.62 -23.13
CA ASP F 141 -15.04 -8.28 -22.78
C ASP F 141 -13.87 -7.62 -22.08
N PRO F 142 -13.51 -6.38 -22.50
CA PRO F 142 -12.41 -5.65 -21.86
C PRO F 142 -12.59 -5.42 -20.35
N LYS F 143 -13.84 -5.34 -19.88
CA LYS F 143 -14.11 -5.25 -18.44
C LYS F 143 -13.48 -6.46 -17.70
N GLU F 144 -13.97 -7.65 -18.03
CA GLU F 144 -13.45 -8.91 -17.51
C GLU F 144 -11.92 -8.92 -17.50
N VAL F 145 -11.32 -8.38 -18.56
CA VAL F 145 -9.86 -8.37 -18.69
C VAL F 145 -9.22 -7.48 -17.67
N GLN F 146 -9.86 -6.33 -17.42
CA GLN F 146 -9.42 -5.41 -16.36
C GLN F 146 -9.33 -6.14 -15.04
N LYS F 147 -10.40 -6.86 -14.72
CA LYS F 147 -10.49 -7.62 -13.46
C LYS F 147 -9.34 -8.64 -13.46
N GLU F 148 -9.25 -9.40 -14.56
CA GLU F 148 -8.20 -10.43 -14.75
C GLU F 148 -6.78 -9.93 -14.53
N ILE F 149 -6.58 -8.64 -14.65
CA ILE F 149 -5.26 -8.08 -14.43
C ILE F 149 -5.01 -7.91 -12.91
N ASP F 150 -6.09 -7.78 -12.15
CA ASP F 150 -5.97 -7.49 -10.73
C ASP F 150 -5.87 -8.74 -9.89
N ALA F 151 -6.18 -9.87 -10.51
CA ALA F 151 -5.92 -11.16 -9.90
C ALA F 151 -4.43 -11.52 -10.08
N GLY F 152 -3.78 -10.87 -11.05
CA GLY F 152 -2.41 -11.22 -11.45
C GLY F 152 -2.33 -12.17 -12.65
N VAL F 153 -3.47 -12.45 -13.29
CA VAL F 153 -3.57 -13.45 -14.36
C VAL F 153 -2.59 -13.21 -15.50
N TYR F 154 -2.33 -11.94 -15.82
CA TYR F 154 -1.54 -11.61 -17.00
C TYR F 154 -0.12 -11.13 -16.70
N ASP F 155 0.30 -11.27 -15.45
CA ASP F 155 1.44 -10.48 -14.93
C ASP F 155 2.83 -10.91 -15.34
N GLU F 156 2.94 -12.12 -15.90
CA GLU F 156 4.19 -12.59 -16.49
C GLU F 156 4.81 -11.48 -17.37
N TYR F 157 3.92 -10.81 -18.11
CA TYR F 157 4.25 -9.72 -19.00
C TYR F 157 4.84 -8.55 -18.22
N PHE F 158 3.95 -7.92 -17.46
CA PHE F 158 4.09 -6.54 -17.02
C PHE F 158 5.32 -6.21 -16.19
N LYS F 159 5.89 -7.21 -15.49
CA LYS F 159 7.10 -6.97 -14.66
C LYS F 159 8.01 -8.19 -14.66
MG MG G . 2.06 -16.70 41.35
MG MG H . -13.26 -25.45 26.44
MG MG I . -1.90 -20.12 43.93
MG MG J . -4.71 -16.14 27.27
MG MG K . -2.81 -8.90 19.92
CL CL L . -12.19 -22.08 16.17
K K M . 7.92 -16.06 36.47
K K N . -15.87 -19.04 10.16
CL CL O . -19.21 -27.46 -9.73
K K P . 9.75 -17.61 13.71
MG MG Q . -25.23 20.66 -27.36
MG MG R . -22.29 11.95 -26.54
MG MG S . -13.80 5.77 -8.96
K K T . -23.33 15.90 -28.13
CL CL U . 0.77 10.20 -24.21
K K V . 1.86 9.07 -15.65
#